data_7ZTK
#
_entry.id   7ZTK
#
_cell.length_a   54.173
_cell.length_b   69.450
_cell.length_c   116.296
_cell.angle_alpha   90.000
_cell.angle_beta   90.060
_cell.angle_gamma   90.000
#
_symmetry.space_group_name_H-M   'P 1 21 1'
#
loop_
_entity.id
_entity.type
_entity.pdbx_description
1 polymer 'Nucleoside diphosphate kinase A'
2 non-polymer 'COENZYME A'
3 water water
#
_entity_poly.entity_id   1
_entity_poly.type   'polypeptide(L)'
_entity_poly.pdbx_seq_one_letter_code
;GAMAMANSERTFIAIKPDGVQRGLVGEIIKRFEQKGFRLVGLKFLQASEDLLKEHYTDLKDRPFFTGLVKYMHSGPVVAM
VWEGLNVVKTGRVMLGETNPADSKPGTIRGDFCIQVGRNIIHGSDSVKSAEKEISLWFQPEELVEYKSCAQNWIYE
;
_entity_poly.pdbx_strand_id   A,B,C,D,E,F
#
# COMPACT_ATOMS: atom_id res chain seq x y z
N ALA A 6 -16.57 28.52 4.68
CA ALA A 6 -15.14 28.47 4.94
C ALA A 6 -14.64 27.03 4.92
N ASN A 7 -15.24 26.19 5.76
CA ASN A 7 -14.97 24.77 5.74
C ASN A 7 -15.80 24.02 4.70
N SER A 8 -16.33 24.73 3.71
CA SER A 8 -17.16 24.12 2.67
C SER A 8 -16.71 24.51 1.27
N GLU A 9 -15.49 25.02 1.14
CA GLU A 9 -14.94 25.35 -0.17
C GLU A 9 -14.84 24.11 -1.04
N ARG A 10 -15.12 24.27 -2.34
CA ARG A 10 -15.12 23.17 -3.29
C ARG A 10 -14.17 23.45 -4.44
N THR A 11 -13.52 22.39 -4.93
CA THR A 11 -12.67 22.46 -6.10
C THR A 11 -13.04 21.37 -7.08
N PHE A 12 -12.71 21.60 -8.35
CA PHE A 12 -12.95 20.63 -9.41
C PHE A 12 -11.67 19.86 -9.69
N ILE A 13 -11.75 18.53 -9.61
CA ILE A 13 -10.64 17.65 -9.96
C ILE A 13 -11.14 16.69 -11.03
N ALA A 14 -10.34 16.51 -12.08
CA ALA A 14 -10.68 15.63 -13.19
C ALA A 14 -9.51 14.73 -13.50
N ILE A 15 -9.76 13.42 -13.54
CA ILE A 15 -8.75 12.44 -13.94
C ILE A 15 -8.78 12.33 -15.45
N LYS A 16 -7.64 12.59 -16.09
CA LYS A 16 -7.56 12.66 -17.54
C LYS A 16 -7.60 11.26 -18.14
N PRO A 17 -7.76 11.15 -19.47
CA PRO A 17 -7.88 9.81 -20.08
C PRO A 17 -6.69 8.89 -19.81
N ASP A 18 -5.49 9.43 -19.71
CA ASP A 18 -4.33 8.57 -19.42
C ASP A 18 -4.35 8.07 -17.98
N GLY A 19 -5.00 8.79 -17.08
CA GLY A 19 -5.15 8.28 -15.72
C GLY A 19 -6.11 7.11 -15.66
N VAL A 20 -7.23 7.19 -16.38
CA VAL A 20 -8.17 6.08 -16.44
C VAL A 20 -7.53 4.88 -17.13
N GLN A 21 -6.83 5.12 -18.25
CA GLN A 21 -6.25 4.03 -19.02
C GLN A 21 -5.18 3.29 -18.24
N ARG A 22 -4.31 4.03 -17.55
CA ARG A 22 -3.23 3.44 -16.77
C ARG A 22 -3.68 2.99 -15.38
N GLY A 23 -4.96 3.11 -15.07
CA GLY A 23 -5.51 2.56 -13.84
C GLY A 23 -5.07 3.27 -12.58
N LEU A 24 -5.23 4.59 -12.54
CA LEU A 24 -4.86 5.39 -11.38
C LEU A 24 -6.06 6.14 -10.80
N VAL A 25 -7.29 5.71 -11.12
CA VAL A 25 -8.46 6.41 -10.61
C VAL A 25 -8.65 6.14 -9.12
N GLY A 26 -8.45 4.89 -8.70
CA GLY A 26 -8.64 4.56 -7.29
C GLY A 26 -7.58 5.17 -6.39
N GLU A 27 -6.32 5.15 -6.83
CA GLU A 27 -5.24 5.73 -6.04
C GLU A 27 -5.43 7.22 -5.84
N ILE A 28 -5.86 7.93 -6.90
CA ILE A 28 -6.05 9.37 -6.80
C ILE A 28 -7.19 9.70 -5.85
N ILE A 29 -8.29 8.95 -5.93
CA ILE A 29 -9.40 9.15 -4.99
C ILE A 29 -8.95 8.85 -3.57
N LYS A 30 -7.95 7.98 -3.41
CA LYS A 30 -7.50 7.59 -2.08
C LYS A 30 -6.68 8.69 -1.41
N ARG A 31 -5.84 9.39 -2.16
CA ARG A 31 -5.04 10.47 -1.59
C ARG A 31 -5.92 11.61 -1.08
N PHE A 32 -7.03 11.88 -1.76
CA PHE A 32 -7.95 12.92 -1.30
C PHE A 32 -8.82 12.45 -0.14
N GLU A 33 -9.15 11.16 -0.08
CA GLU A 33 -9.94 10.64 1.03
C GLU A 33 -9.14 10.64 2.32
N GLN A 34 -7.93 10.05 2.28
CA GLN A 34 -7.11 9.97 3.49
C GLN A 34 -6.66 11.35 3.97
N LYS A 35 -6.60 12.32 3.05
CA LYS A 35 -6.23 13.68 3.44
C LYS A 35 -7.27 14.31 4.36
N GLY A 36 -8.56 14.05 4.10
CA GLY A 36 -9.61 14.60 4.93
C GLY A 36 -10.68 15.35 4.16
N PHE A 37 -10.62 15.32 2.83
CA PHE A 37 -11.61 15.96 1.98
C PHE A 37 -12.74 14.98 1.68
N ARG A 38 -13.91 15.53 1.40
CA ARG A 38 -15.08 14.70 1.12
C ARG A 38 -15.57 14.92 -0.31
N LEU A 39 -16.07 13.85 -0.90
CA LEU A 39 -16.55 13.88 -2.28
C LEU A 39 -17.96 14.46 -2.33
N VAL A 40 -18.19 15.37 -3.26
CA VAL A 40 -19.48 16.04 -3.38
C VAL A 40 -20.08 15.67 -4.73
N GLY A 41 -19.23 15.39 -5.69
CA GLY A 41 -19.68 15.03 -7.02
C GLY A 41 -18.72 14.07 -7.67
N LEU A 42 -19.25 13.18 -8.50
CA LEU A 42 -18.46 12.16 -9.15
C LEU A 42 -19.23 11.61 -10.35
N LYS A 43 -18.56 11.57 -11.50
CA LYS A 43 -19.19 11.09 -12.72
C LYS A 43 -18.12 10.58 -13.66
N PHE A 44 -18.50 9.60 -14.48
CA PHE A 44 -17.63 9.03 -15.51
C PHE A 44 -18.18 9.44 -16.87
N LEU A 45 -17.36 10.10 -17.67
CA LEU A 45 -17.85 10.83 -18.83
C LEU A 45 -16.77 10.88 -19.90
N GLN A 46 -17.20 10.92 -21.15
CA GLN A 46 -16.31 11.18 -22.29
C GLN A 46 -16.63 12.59 -22.80
N ALA A 47 -15.80 13.55 -22.40
CA ALA A 47 -16.05 14.95 -22.66
C ALA A 47 -16.08 15.26 -24.16
N SER A 48 -16.89 16.23 -24.54
CA SER A 48 -16.93 16.73 -25.90
C SER A 48 -15.85 17.79 -26.07
N GLU A 49 -15.32 17.88 -27.30
CA GLU A 49 -14.36 18.94 -27.59
C GLU A 49 -14.97 20.32 -27.41
N ASP A 50 -16.29 20.42 -27.53
CA ASP A 50 -16.97 21.69 -27.24
C ASP A 50 -16.91 22.01 -25.75
N LEU A 51 -17.11 21.01 -24.90
CA LEU A 51 -16.99 21.21 -23.46
C LEU A 51 -15.56 21.60 -23.09
N LEU A 52 -14.57 20.91 -23.66
CA LEU A 52 -13.18 21.16 -23.29
C LEU A 52 -12.73 22.56 -23.73
N LYS A 53 -13.25 23.05 -24.86
CA LYS A 53 -12.88 24.38 -25.32
C LYS A 53 -13.26 25.45 -24.30
N GLU A 54 -14.46 25.36 -23.73
CA GLU A 54 -14.85 26.31 -22.69
C GLU A 54 -14.05 26.09 -21.42
N HIS A 55 -13.72 24.85 -21.10
CA HIS A 55 -12.90 24.58 -19.93
C HIS A 55 -11.48 25.10 -20.10
N TYR A 56 -10.96 25.08 -21.34
CA TYR A 56 -9.63 25.58 -21.65
C TYR A 56 -9.67 26.84 -22.50
N THR A 57 -10.71 27.66 -22.32
CA THR A 57 -10.85 28.86 -23.14
C THR A 57 -9.71 29.85 -22.89
N ASP A 58 -9.10 29.79 -21.70
CA ASP A 58 -7.98 30.66 -21.36
C ASP A 58 -6.72 30.35 -22.14
N LEU A 59 -6.67 29.21 -22.83
CA LEU A 59 -5.47 28.77 -23.53
C LEU A 59 -5.68 28.65 -25.04
N LYS A 60 -6.74 29.27 -25.58
CA LYS A 60 -7.03 29.12 -27.00
C LYS A 60 -5.92 29.73 -27.85
N ASP A 61 -5.17 30.68 -27.32
CA ASP A 61 -4.07 31.30 -28.04
C ASP A 61 -2.79 30.46 -28.02
N ARG A 62 -2.73 29.45 -27.15
CA ARG A 62 -1.51 28.68 -26.98
C ARG A 62 -1.35 27.67 -28.13
N PRO A 63 -0.13 27.44 -28.60
CA PRO A 63 0.07 26.54 -29.75
C PRO A 63 -0.34 25.11 -29.48
N PHE A 64 -0.39 24.68 -28.23
CA PHE A 64 -0.74 23.31 -27.87
C PHE A 64 -2.24 23.07 -27.76
N PHE A 65 -3.06 24.10 -27.98
CA PHE A 65 -4.47 24.03 -27.61
C PHE A 65 -5.20 22.92 -28.36
N THR A 66 -4.95 22.78 -29.66
CA THR A 66 -5.63 21.75 -30.43
C THR A 66 -5.28 20.36 -29.94
N GLY A 67 -3.99 20.11 -29.69
CA GLY A 67 -3.58 18.81 -29.19
C GLY A 67 -4.09 18.51 -27.80
N LEU A 68 -4.25 19.54 -26.96
CA LEU A 68 -4.76 19.33 -25.61
C LEU A 68 -6.24 18.96 -25.62
N VAL A 69 -7.01 19.58 -26.52
CA VAL A 69 -8.45 19.30 -26.59
C VAL A 69 -8.70 17.92 -27.18
N LYS A 70 -7.92 17.54 -28.20
CA LYS A 70 -8.11 16.23 -28.81
C LYS A 70 -7.56 15.11 -27.93
N TYR A 71 -6.56 15.41 -27.09
CA TYR A 71 -6.11 14.42 -26.12
C TYR A 71 -7.14 14.23 -25.01
N MET A 72 -7.72 15.32 -24.53
CA MET A 72 -8.74 15.25 -23.49
C MET A 72 -10.03 14.61 -24.00
N HIS A 73 -10.21 14.50 -25.31
CA HIS A 73 -11.39 13.88 -25.90
C HIS A 73 -11.15 12.44 -26.31
N SER A 74 -9.90 12.03 -26.50
CA SER A 74 -9.58 10.69 -26.98
C SER A 74 -9.87 9.61 -25.95
N GLY A 75 -10.40 9.95 -24.79
CA GLY A 75 -10.71 8.98 -23.77
C GLY A 75 -11.64 9.54 -22.71
N PRO A 76 -12.19 8.65 -21.88
CA PRO A 76 -13.07 9.10 -20.80
C PRO A 76 -12.28 9.77 -19.69
N VAL A 77 -12.97 10.62 -18.94
CA VAL A 77 -12.39 11.29 -17.79
C VAL A 77 -13.27 11.00 -16.57
N VAL A 78 -12.69 11.22 -15.40
CA VAL A 78 -13.39 11.08 -14.13
C VAL A 78 -13.51 12.47 -13.52
N ALA A 79 -14.71 13.05 -13.60
CA ALA A 79 -14.95 14.39 -13.09
C ALA A 79 -15.40 14.30 -11.63
N MET A 80 -14.64 14.91 -10.73
CA MET A 80 -14.94 14.89 -9.31
C MET A 80 -15.10 16.30 -8.78
N VAL A 81 -15.68 16.40 -7.58
CA VAL A 81 -15.80 17.66 -6.85
C VAL A 81 -15.49 17.38 -5.39
N TRP A 82 -14.47 18.03 -4.86
CA TRP A 82 -14.00 17.79 -3.50
C TRP A 82 -14.15 19.04 -2.65
N GLU A 83 -14.37 18.83 -1.35
CA GLU A 83 -14.74 19.89 -0.43
C GLU A 83 -13.92 19.79 0.84
N GLY A 84 -13.49 20.94 1.33
CA GLY A 84 -12.64 20.99 2.51
C GLY A 84 -11.94 22.33 2.60
N LEU A 85 -11.40 22.60 3.79
CA LEU A 85 -10.71 23.85 4.03
C LEU A 85 -9.50 23.98 3.10
N ASN A 86 -9.53 25.00 2.24
CA ASN A 86 -8.46 25.25 1.27
C ASN A 86 -8.29 24.09 0.31
N VAL A 87 -9.40 23.51 -0.15
CA VAL A 87 -9.33 22.35 -1.03
C VAL A 87 -8.77 22.74 -2.39
N VAL A 88 -8.95 24.00 -2.80
CA VAL A 88 -8.42 24.44 -4.09
C VAL A 88 -6.90 24.52 -4.04
N LYS A 89 -6.35 25.19 -3.03
CA LYS A 89 -4.91 25.36 -2.94
C LYS A 89 -4.21 24.05 -2.55
N THR A 90 -4.61 23.47 -1.41
CA THR A 90 -4.00 22.21 -0.97
C THR A 90 -4.15 21.13 -2.03
N GLY A 91 -5.28 21.12 -2.75
CA GLY A 91 -5.43 20.20 -3.87
C GLY A 91 -4.37 20.40 -4.93
N ARG A 92 -4.04 21.66 -5.24
CA ARG A 92 -2.96 21.94 -6.18
C ARG A 92 -1.63 21.46 -5.64
N VAL A 93 -1.42 21.56 -4.32
CA VAL A 93 -0.19 21.07 -3.71
C VAL A 93 -0.12 19.54 -3.82
N MET A 94 -1.22 18.86 -3.46
CA MET A 94 -1.26 17.41 -3.58
C MET A 94 -1.07 16.97 -5.03
N LEU A 95 -1.63 17.73 -5.98
CA LEU A 95 -1.45 17.42 -7.39
C LEU A 95 0.00 17.61 -7.82
N GLY A 96 0.65 18.63 -7.30
CA GLY A 96 2.00 18.98 -7.71
C GLY A 96 1.99 20.07 -8.77
N GLU A 97 3.13 20.21 -9.41
CA GLU A 97 3.24 21.20 -10.49
C GLU A 97 2.67 20.63 -11.78
N THR A 98 2.11 21.52 -12.59
CA THR A 98 1.45 21.12 -13.83
C THR A 98 2.38 20.31 -14.74
N ASN A 99 3.67 20.63 -14.74
CA ASN A 99 4.64 19.80 -15.44
C ASN A 99 5.14 18.73 -14.48
N PRO A 100 4.93 17.44 -14.78
CA PRO A 100 5.44 16.40 -13.87
C PRO A 100 6.94 16.44 -13.67
N ALA A 101 7.69 16.97 -14.64
CA ALA A 101 9.13 17.09 -14.48
C ALA A 101 9.51 18.05 -13.36
N ASP A 102 8.62 18.97 -13.00
CA ASP A 102 8.82 19.87 -11.88
C ASP A 102 8.18 19.37 -10.60
N SER A 103 7.34 18.34 -10.67
CA SER A 103 6.66 17.83 -9.49
C SER A 103 7.65 17.18 -8.53
N LYS A 104 7.36 17.32 -7.23
CA LYS A 104 8.16 16.65 -6.23
CA LYS A 104 8.14 16.66 -6.20
C LYS A 104 7.58 15.28 -5.91
N PRO A 105 8.43 14.28 -5.62
CA PRO A 105 7.92 12.94 -5.32
C PRO A 105 7.05 12.97 -4.07
N GLY A 106 5.96 12.19 -4.11
CA GLY A 106 4.92 12.27 -3.12
C GLY A 106 3.68 12.99 -3.60
N THR A 107 3.79 13.74 -4.69
CA THR A 107 2.64 14.33 -5.35
C THR A 107 2.06 13.35 -6.36
N ILE A 108 0.81 13.59 -6.74
CA ILE A 108 0.10 12.68 -7.65
C ILE A 108 0.83 12.61 -8.99
N ARG A 109 1.14 13.77 -9.55
CA ARG A 109 1.90 13.78 -10.80
C ARG A 109 3.33 13.31 -10.60
N GLY A 110 3.94 13.67 -9.47
CA GLY A 110 5.32 13.30 -9.22
C GLY A 110 5.50 11.80 -9.01
N ASP A 111 4.46 11.11 -8.57
CA ASP A 111 4.53 9.67 -8.37
C ASP A 111 4.06 8.86 -9.56
N PHE A 112 3.35 9.47 -10.52
CA PHE A 112 2.61 8.68 -11.49
C PHE A 112 2.74 9.09 -12.95
N CYS A 113 3.24 10.29 -13.27
CA CYS A 113 3.32 10.68 -14.67
C CYS A 113 4.60 11.47 -14.92
N ILE A 114 4.90 11.64 -16.21
CA ILE A 114 6.21 12.10 -16.66
C ILE A 114 6.08 13.37 -17.50
N GLN A 115 5.27 13.31 -18.56
CA GLN A 115 5.22 14.37 -19.55
C GLN A 115 4.06 15.32 -19.27
N VAL A 116 4.23 16.57 -19.70
CA VAL A 116 3.22 17.59 -19.45
C VAL A 116 1.94 17.30 -20.23
N GLY A 117 2.08 16.74 -21.43
CA GLY A 117 0.92 16.42 -22.24
C GLY A 117 0.17 15.17 -21.83
N ARG A 118 0.62 14.50 -20.77
CA ARG A 118 -0.03 13.30 -20.25
C ARG A 118 0.05 13.33 -18.72
N ASN A 119 -0.43 14.42 -18.11
CA ASN A 119 -0.31 14.63 -16.68
C ASN A 119 -1.54 14.18 -15.89
N ILE A 120 -2.25 13.17 -16.41
CA ILE A 120 -3.22 12.32 -15.70
C ILE A 120 -4.32 13.06 -14.95
N ILE A 121 -4.09 14.30 -14.53
CA ILE A 121 -5.01 14.94 -13.59
C ILE A 121 -5.02 16.44 -13.81
N HIS A 122 -6.16 17.07 -13.51
CA HIS A 122 -6.34 18.51 -13.57
C HIS A 122 -6.98 19.00 -12.27
N GLY A 123 -6.47 20.12 -11.76
CA GLY A 123 -7.05 20.77 -10.60
C GLY A 123 -7.39 22.22 -10.93
N SER A 124 -8.42 22.72 -10.25
CA SER A 124 -8.82 24.12 -10.44
C SER A 124 -7.76 25.05 -9.85
N ASP A 125 -7.29 26.00 -10.67
CA ASP A 125 -6.21 26.87 -10.22
C ASP A 125 -6.67 27.92 -9.21
N SER A 126 -7.97 28.18 -9.13
CA SER A 126 -8.46 29.19 -8.20
C SER A 126 -9.91 28.89 -7.86
N VAL A 127 -10.39 29.52 -6.78
CA VAL A 127 -11.79 29.41 -6.40
C VAL A 127 -12.68 29.89 -7.53
N LYS A 128 -12.29 30.99 -8.19
CA LYS A 128 -13.05 31.46 -9.33
C LYS A 128 -13.00 30.45 -10.48
N SER A 129 -11.86 29.81 -10.68
CA SER A 129 -11.78 28.74 -11.68
C SER A 129 -12.49 27.48 -11.20
N ALA A 130 -12.59 27.28 -9.88
CA ALA A 130 -13.29 26.11 -9.37
C ALA A 130 -14.78 26.23 -9.60
N GLU A 131 -15.37 27.38 -9.26
CA GLU A 131 -16.81 27.56 -9.42
C GLU A 131 -17.22 27.58 -10.88
N LYS A 132 -16.36 28.10 -11.77
CA LYS A 132 -16.66 28.07 -13.19
C LYS A 132 -16.64 26.64 -13.73
N GLU A 133 -15.67 25.83 -13.28
CA GLU A 133 -15.55 24.47 -13.81
C GLU A 133 -16.58 23.53 -13.20
N ILE A 134 -16.93 23.73 -11.92
CA ILE A 134 -17.95 22.89 -11.30
C ILE A 134 -19.29 23.08 -11.98
N SER A 135 -19.70 24.34 -12.19
CA SER A 135 -20.96 24.63 -12.87
C SER A 135 -20.93 24.21 -14.33
N LEU A 136 -19.76 23.92 -14.89
CA LEU A 136 -19.62 23.50 -16.27
C LEU A 136 -19.78 22.00 -16.44
N TRP A 137 -19.14 21.20 -15.57
CA TRP A 137 -19.19 19.75 -15.69
C TRP A 137 -20.31 19.12 -14.87
N PHE A 138 -20.79 19.79 -13.84
CA PHE A 138 -21.82 19.25 -12.95
C PHE A 138 -23.04 20.16 -12.94
N GLN A 139 -24.21 19.55 -12.86
CA GLN A 139 -25.43 20.27 -12.54
C GLN A 139 -25.64 20.29 -11.04
N PRO A 140 -26.41 21.24 -10.51
CA PRO A 140 -26.63 21.27 -9.05
C PRO A 140 -27.17 19.98 -8.48
N GLU A 141 -27.93 19.20 -9.28
CA GLU A 141 -28.52 17.97 -8.78
C GLU A 141 -27.45 16.93 -8.49
N GLU A 142 -26.38 16.90 -9.30
CA GLU A 142 -25.38 15.84 -9.22
C GLU A 142 -24.38 16.03 -8.09
N LEU A 143 -24.51 17.08 -7.28
CA LEU A 143 -23.63 17.32 -6.15
C LEU A 143 -24.35 16.93 -4.87
N VAL A 144 -23.74 16.03 -4.09
CA VAL A 144 -24.39 15.41 -2.94
C VAL A 144 -23.86 16.05 -1.68
N GLU A 145 -24.76 16.39 -0.77
CA GLU A 145 -24.41 17.09 0.44
C GLU A 145 -24.63 16.19 1.65
N TYR A 146 -23.56 15.96 2.41
CA TYR A 146 -23.62 15.11 3.59
C TYR A 146 -22.48 15.48 4.51
N LYS A 147 -22.59 15.03 5.75
CA LYS A 147 -21.62 15.32 6.81
C LYS A 147 -20.82 14.05 7.09
N SER A 148 -19.50 14.13 6.92
CA SER A 148 -18.64 13.00 7.24
C SER A 148 -18.71 12.68 8.73
N CYS A 149 -18.66 11.39 9.05
CA CYS A 149 -18.71 10.98 10.45
C CYS A 149 -17.50 11.46 11.24
N ALA A 150 -16.44 11.90 10.56
CA ALA A 150 -15.21 12.31 11.20
C ALA A 150 -14.93 13.80 11.06
N GLN A 151 -15.97 14.62 10.87
CA GLN A 151 -15.75 16.05 10.68
C GLN A 151 -15.11 16.67 11.91
N ASN A 152 -15.66 16.39 13.10
CA ASN A 152 -15.15 16.97 14.34
C ASN A 152 -13.74 16.48 14.67
N TRP A 153 -13.21 15.52 13.91
CA TRP A 153 -11.82 15.11 14.05
C TRP A 153 -10.93 15.68 12.94
N ILE A 154 -11.50 16.39 11.98
CA ILE A 154 -10.72 17.02 10.91
C ILE A 154 -10.63 18.51 11.16
N TYR A 155 -11.68 19.09 11.73
CA TYR A 155 -11.78 20.53 11.92
C TYR A 155 -12.15 20.86 13.35
N GLU A 156 -11.96 22.13 13.72
CA GLU A 156 -12.43 22.67 14.99
C GLU A 156 -13.41 23.82 14.73
N ALA B 4 11.10 12.01 -28.84
CA ALA B 4 10.98 10.57 -29.01
C ALA B 4 12.31 9.89 -28.69
N MET B 5 13.32 10.16 -29.52
CA MET B 5 14.67 9.71 -29.18
C MET B 5 15.10 10.21 -27.81
N ALA B 6 14.51 11.29 -27.31
CA ALA B 6 14.77 11.73 -25.95
C ALA B 6 13.98 10.91 -24.94
N ASN B 7 12.77 10.49 -25.30
CA ASN B 7 11.98 9.59 -24.47
C ASN B 7 12.63 8.22 -24.34
N SER B 8 13.67 7.93 -25.12
CA SER B 8 14.41 6.67 -25.03
C SER B 8 15.66 6.80 -24.17
N GLU B 9 15.82 7.91 -23.45
CA GLU B 9 16.94 8.08 -22.54
C GLU B 9 16.95 6.98 -21.48
N ARG B 10 18.16 6.56 -21.07
CA ARG B 10 18.32 5.47 -20.12
C ARG B 10 19.17 5.91 -18.93
N THR B 11 18.95 5.26 -17.80
CA THR B 11 19.74 5.46 -16.60
C THR B 11 20.00 4.12 -15.92
N PHE B 12 20.99 4.11 -15.05
CA PHE B 12 21.37 2.92 -14.29
C PHE B 12 21.01 3.14 -12.83
N ILE B 13 20.14 2.28 -12.30
CA ILE B 13 19.73 2.32 -10.90
C ILE B 13 20.15 1.02 -10.25
N ALA B 14 20.93 1.12 -9.17
CA ALA B 14 21.41 -0.05 -8.45
C ALA B 14 20.81 -0.07 -7.05
N ILE B 15 20.40 -1.25 -6.61
CA ILE B 15 19.89 -1.46 -5.26
C ILE B 15 21.01 -2.05 -4.42
N LYS B 16 21.46 -1.29 -3.43
CA LYS B 16 22.65 -1.64 -2.66
C LYS B 16 22.37 -2.82 -1.74
N PRO B 17 23.40 -3.43 -1.16
CA PRO B 17 23.19 -4.63 -0.33
C PRO B 17 22.24 -4.40 0.84
N ASP B 18 22.25 -3.22 1.45
CA ASP B 18 21.32 -2.96 2.54
C ASP B 18 19.88 -2.86 2.05
N GLY B 19 19.68 -2.50 0.78
CA GLY B 19 18.35 -2.50 0.22
C GLY B 19 17.81 -3.88 -0.07
N VAL B 20 18.70 -4.81 -0.44
CA VAL B 20 18.27 -6.20 -0.64
C VAL B 20 18.02 -6.87 0.70
N GLN B 21 18.91 -6.65 1.67
CA GLN B 21 18.77 -7.26 2.99
C GLN B 21 17.49 -6.80 3.68
N ARG B 22 17.16 -5.52 3.58
CA ARG B 22 15.98 -4.98 4.22
C ARG B 22 14.73 -5.09 3.35
N GLY B 23 14.79 -5.86 2.27
CA GLY B 23 13.59 -6.22 1.51
C GLY B 23 12.88 -5.07 0.86
N LEU B 24 13.62 -4.19 0.17
CA LEU B 24 13.04 -3.01 -0.46
C LEU B 24 13.06 -3.09 -1.98
N VAL B 25 13.46 -4.22 -2.55
CA VAL B 25 13.63 -4.30 -3.99
C VAL B 25 12.30 -4.13 -4.72
N GLY B 26 11.28 -4.88 -4.28
CA GLY B 26 9.99 -4.79 -4.94
C GLY B 26 9.36 -3.42 -4.81
N GLU B 27 9.41 -2.83 -3.62
CA GLU B 27 8.91 -1.48 -3.43
C GLU B 27 9.71 -0.47 -4.25
N ILE B 28 11.01 -0.71 -4.42
CA ILE B 28 11.83 0.19 -5.22
C ILE B 28 11.43 0.13 -6.69
N ILE B 29 11.26 -1.09 -7.22
CA ILE B 29 10.81 -1.24 -8.60
C ILE B 29 9.39 -0.74 -8.78
N LYS B 30 8.59 -0.72 -7.71
CA LYS B 30 7.21 -0.27 -7.81
C LYS B 30 7.13 1.22 -8.10
N ARG B 31 7.95 2.03 -7.42
CA ARG B 31 7.95 3.47 -7.66
C ARG B 31 8.38 3.81 -9.07
N PHE B 32 9.29 3.03 -9.65
CA PHE B 32 9.72 3.27 -11.02
C PHE B 32 8.72 2.73 -12.04
N GLU B 33 7.95 1.70 -11.68
CA GLU B 33 6.91 1.22 -12.58
C GLU B 33 5.71 2.16 -12.58
N GLN B 34 5.22 2.52 -11.40
CA GLN B 34 4.04 3.39 -11.30
C GLN B 34 4.32 4.79 -11.81
N LYS B 35 5.59 5.18 -11.93
CA LYS B 35 5.91 6.51 -12.42
C LYS B 35 5.65 6.61 -13.93
N GLY B 36 6.04 5.60 -14.68
CA GLY B 36 5.82 5.59 -16.12
C GLY B 36 7.03 5.08 -16.87
N PHE B 37 8.06 4.69 -16.13
CA PHE B 37 9.30 4.23 -16.73
C PHE B 37 9.24 2.73 -17.03
N ARG B 38 10.12 2.30 -17.92
CA ARG B 38 10.12 0.95 -18.46
C ARG B 38 11.37 0.21 -18.01
N LEU B 39 11.24 -1.08 -17.75
CA LEU B 39 12.40 -1.92 -17.44
C LEU B 39 13.11 -2.32 -18.72
N VAL B 40 14.41 -2.04 -18.79
CA VAL B 40 15.23 -2.48 -19.91
C VAL B 40 16.20 -3.58 -19.49
N GLY B 41 16.78 -3.47 -18.31
CA GLY B 41 17.66 -4.51 -17.79
C GLY B 41 17.42 -4.72 -16.31
N LEU B 42 17.58 -5.96 -15.88
CA LEU B 42 17.45 -6.31 -14.46
C LEU B 42 18.27 -7.56 -14.20
N LYS B 43 19.15 -7.50 -13.21
CA LYS B 43 19.98 -8.64 -12.86
C LYS B 43 20.26 -8.61 -11.36
N PHE B 44 20.53 -9.79 -10.80
CA PHE B 44 20.86 -9.96 -9.39
C PHE B 44 22.29 -10.47 -9.32
N LEU B 45 23.15 -9.74 -8.59
CA LEU B 45 24.58 -9.89 -8.73
C LEU B 45 25.26 -9.65 -7.39
N GLN B 46 26.47 -10.16 -7.26
CA GLN B 46 27.38 -9.79 -6.17
C GLN B 46 28.60 -9.14 -6.82
N ALA B 47 28.62 -7.80 -6.81
CA ALA B 47 29.66 -7.06 -7.51
C ALA B 47 31.01 -7.26 -6.85
N SER B 48 32.02 -7.59 -7.66
CA SER B 48 33.38 -7.67 -7.16
C SER B 48 33.91 -6.29 -6.83
N GLU B 49 34.92 -6.25 -5.96
CA GLU B 49 35.54 -4.98 -5.62
C GLU B 49 36.14 -4.30 -6.85
N ASP B 50 36.66 -5.09 -7.80
CA ASP B 50 37.21 -4.52 -9.01
C ASP B 50 36.13 -3.84 -9.84
N LEU B 51 34.94 -4.43 -9.90
CA LEU B 51 33.84 -3.83 -10.65
C LEU B 51 33.36 -2.55 -9.97
N LEU B 52 33.34 -2.54 -8.64
CA LEU B 52 32.86 -1.37 -7.90
C LEU B 52 33.84 -0.21 -8.00
N LYS B 53 35.15 -0.50 -8.09
CA LYS B 53 36.14 0.55 -8.14
C LYS B 53 36.01 1.39 -9.42
N GLU B 54 35.87 0.74 -10.58
CA GLU B 54 35.68 1.47 -11.82
C GLU B 54 34.36 2.24 -11.79
N HIS B 55 33.34 1.66 -11.16
CA HIS B 55 32.08 2.37 -11.00
C HIS B 55 32.22 3.59 -10.10
N TYR B 56 33.11 3.51 -9.11
CA TYR B 56 33.35 4.60 -8.17
C TYR B 56 34.74 5.20 -8.35
N THR B 57 35.21 5.29 -9.60
CA THR B 57 36.56 5.79 -9.85
C THR B 57 36.70 7.28 -9.56
N ASP B 58 35.60 8.04 -9.62
CA ASP B 58 35.62 9.46 -9.34
C ASP B 58 35.58 9.76 -7.85
N LEU B 59 35.66 8.74 -6.99
CA LEU B 59 35.72 8.92 -5.55
C LEU B 59 36.92 8.23 -4.93
N LYS B 60 37.88 7.79 -5.74
CA LYS B 60 39.04 7.08 -5.22
C LYS B 60 39.90 7.96 -4.33
N ASP B 61 39.72 9.28 -4.39
CA ASP B 61 40.45 10.20 -3.52
C ASP B 61 39.74 10.43 -2.19
N ARG B 62 38.46 10.11 -2.09
CA ARG B 62 37.72 10.36 -0.87
C ARG B 62 38.14 9.38 0.22
N PRO B 63 38.05 9.78 1.49
CA PRO B 63 38.47 8.87 2.58
C PRO B 63 37.54 7.69 2.76
N PHE B 64 36.28 7.80 2.36
CA PHE B 64 35.32 6.72 2.55
C PHE B 64 35.38 5.67 1.44
N PHE B 65 36.29 5.82 0.48
CA PHE B 65 36.26 5.00 -0.73
C PHE B 65 36.40 3.52 -0.40
N THR B 66 37.39 3.17 0.42
CA THR B 66 37.59 1.76 0.78
C THR B 66 36.39 1.20 1.51
N GLY B 67 35.86 1.95 2.48
CA GLY B 67 34.67 1.51 3.20
C GLY B 67 33.45 1.40 2.30
N LEU B 68 33.37 2.25 1.26
CA LEU B 68 32.24 2.18 0.34
C LEU B 68 32.32 0.94 -0.55
N VAL B 69 33.52 0.63 -1.04
CA VAL B 69 33.67 -0.50 -1.97
C VAL B 69 33.42 -1.83 -1.26
N LYS B 70 33.95 -1.99 -0.05
CA LYS B 70 33.78 -3.25 0.66
C LYS B 70 32.33 -3.44 1.10
N TYR B 71 31.66 -2.35 1.49
CA TYR B 71 30.25 -2.45 1.84
C TYR B 71 29.41 -2.80 0.61
N MET B 72 29.76 -2.24 -0.54
CA MET B 72 29.09 -2.60 -1.79
C MET B 72 29.37 -4.04 -2.21
N HIS B 73 30.50 -4.60 -1.75
CA HIS B 73 30.88 -5.96 -2.10
C HIS B 73 30.44 -6.98 -1.06
N SER B 74 30.17 -6.55 0.17
CA SER B 74 29.76 -7.40 1.30
C SER B 74 28.38 -8.04 1.11
N GLY B 75 27.70 -7.85 -0.02
CA GLY B 75 26.40 -8.46 -0.22
C GLY B 75 25.95 -8.36 -1.66
N PRO B 76 24.77 -8.88 -1.96
CA PRO B 76 24.24 -8.82 -3.33
C PRO B 76 23.58 -7.48 -3.62
N VAL B 77 23.59 -7.11 -4.90
CA VAL B 77 22.95 -5.89 -5.36
C VAL B 77 21.96 -6.25 -6.48
N VAL B 78 21.06 -5.31 -6.74
CA VAL B 78 20.12 -5.43 -7.86
C VAL B 78 20.47 -4.34 -8.86
N ALA B 79 21.04 -4.74 -9.99
CA ALA B 79 21.37 -3.81 -11.06
C ALA B 79 20.19 -3.69 -12.01
N MET B 80 19.77 -2.45 -12.28
CA MET B 80 18.63 -2.19 -13.14
C MET B 80 18.96 -1.11 -14.15
N VAL B 81 18.31 -1.17 -15.30
CA VAL B 81 18.32 -0.12 -16.30
C VAL B 81 16.89 0.31 -16.56
N TRP B 82 16.66 1.62 -16.60
CA TRP B 82 15.34 2.17 -16.85
C TRP B 82 15.43 3.21 -17.95
N GLU B 83 14.32 3.38 -18.69
CA GLU B 83 14.28 4.28 -19.82
C GLU B 83 13.03 5.13 -19.78
N GLY B 84 13.18 6.40 -20.15
CA GLY B 84 12.05 7.31 -20.18
C GLY B 84 12.56 8.73 -20.34
N LEU B 85 11.60 9.63 -20.54
CA LEU B 85 11.92 11.06 -20.65
C LEU B 85 12.52 11.56 -19.35
N ASN B 86 13.78 11.99 -19.41
CA ASN B 86 14.49 12.51 -18.24
C ASN B 86 14.55 11.47 -17.12
N VAL B 87 14.91 10.25 -17.49
CA VAL B 87 15.00 9.18 -16.48
C VAL B 87 16.24 9.36 -15.61
N VAL B 88 17.26 10.06 -16.11
CA VAL B 88 18.43 10.36 -15.29
C VAL B 88 18.10 11.42 -14.25
N LYS B 89 17.51 12.53 -14.69
CA LYS B 89 17.27 13.66 -13.79
C LYS B 89 16.14 13.34 -12.80
N THR B 90 15.02 12.81 -13.29
CA THR B 90 13.89 12.53 -12.40
C THR B 90 14.20 11.36 -11.48
N GLY B 91 14.96 10.36 -11.94
CA GLY B 91 15.37 9.29 -11.07
C GLY B 91 16.15 9.79 -9.85
N ARG B 92 17.04 10.77 -10.07
CA ARG B 92 17.71 11.42 -8.95
C ARG B 92 16.71 12.02 -7.98
N VAL B 93 15.66 12.66 -8.53
CA VAL B 93 14.65 13.29 -7.69
C VAL B 93 13.91 12.25 -6.86
N MET B 94 13.43 11.19 -7.52
CA MET B 94 12.72 10.13 -6.81
C MET B 94 13.62 9.44 -5.79
N LEU B 95 14.89 9.23 -6.15
CA LEU B 95 15.85 8.68 -5.20
C LEU B 95 15.97 9.57 -3.97
N GLY B 96 16.04 10.88 -4.17
CA GLY B 96 16.31 11.81 -3.10
C GLY B 96 17.78 12.19 -3.07
N GLU B 97 18.14 12.95 -2.03
CA GLU B 97 19.51 13.37 -1.87
C GLU B 97 20.37 12.22 -1.35
N THR B 98 21.64 12.23 -1.76
CA THR B 98 22.57 11.16 -1.40
C THR B 98 22.60 10.90 0.10
N ASN B 99 22.64 11.97 0.89
CA ASN B 99 22.52 11.84 2.33
C ASN B 99 21.04 11.72 2.70
N PRO B 100 20.60 10.59 3.27
CA PRO B 100 19.18 10.47 3.63
C PRO B 100 18.71 11.49 4.64
N ALA B 101 19.62 12.08 5.41
CA ALA B 101 19.26 13.18 6.30
C ALA B 101 18.94 14.45 5.53
N ASP B 102 19.23 14.50 4.24
CA ASP B 102 18.82 15.60 3.37
C ASP B 102 17.58 15.28 2.54
N SER B 103 17.27 14.00 2.36
CA SER B 103 16.18 13.60 1.48
C SER B 103 14.84 14.03 2.04
N LYS B 104 13.90 14.29 1.14
CA LYS B 104 12.55 14.66 1.54
C LYS B 104 11.67 13.43 1.64
N PRO B 105 10.75 13.40 2.61
CA PRO B 105 9.78 12.30 2.66
C PRO B 105 9.01 12.19 1.36
N GLY B 106 8.83 10.96 0.89
CA GLY B 106 8.30 10.67 -0.42
C GLY B 106 9.36 10.19 -1.39
N THR B 107 10.61 10.56 -1.16
CA THR B 107 11.72 10.01 -1.94
C THR B 107 12.10 8.63 -1.41
N ILE B 108 12.85 7.89 -2.21
CA ILE B 108 13.23 6.53 -1.84
C ILE B 108 14.13 6.55 -0.61
N ARG B 109 15.15 7.40 -0.62
CA ARG B 109 16.03 7.52 0.53
C ARG B 109 15.33 8.19 1.71
N GLY B 110 14.41 9.13 1.44
CA GLY B 110 13.74 9.80 2.53
C GLY B 110 12.81 8.89 3.31
N ASP B 111 12.26 7.88 2.64
CA ASP B 111 11.26 7.02 3.27
C ASP B 111 11.83 5.79 3.93
N PHE B 112 13.00 5.30 3.49
CA PHE B 112 13.42 3.95 3.86
C PHE B 112 14.78 3.83 4.54
N CYS B 113 15.61 4.87 4.54
CA CYS B 113 16.96 4.74 5.08
C CYS B 113 17.36 5.98 5.85
N ILE B 114 18.40 5.83 6.67
CA ILE B 114 18.80 6.84 7.65
C ILE B 114 20.19 7.39 7.34
N GLN B 115 21.19 6.51 7.30
CA GLN B 115 22.58 6.92 7.31
C GLN B 115 23.14 7.06 5.90
N VAL B 116 24.15 7.93 5.77
CA VAL B 116 24.77 8.18 4.47
C VAL B 116 25.45 6.92 3.95
N GLY B 117 26.12 6.16 4.83
CA GLY B 117 26.79 4.95 4.42
C GLY B 117 25.87 3.79 4.10
N ARG B 118 24.56 3.95 4.32
CA ARG B 118 23.57 2.91 4.07
C ARG B 118 22.33 3.56 3.46
N ASN B 119 22.48 4.12 2.26
CA ASN B 119 21.37 4.79 1.57
C ASN B 119 20.76 3.93 0.48
N ILE B 120 20.92 2.60 0.57
CA ILE B 120 20.16 1.57 -0.13
C ILE B 120 20.19 1.63 -1.66
N ILE B 121 20.34 2.82 -2.25
CA ILE B 121 20.14 2.96 -3.68
C ILE B 121 21.20 3.88 -4.30
N HIS B 122 21.54 3.58 -5.56
CA HIS B 122 22.44 4.41 -6.35
C HIS B 122 21.73 4.82 -7.64
N GLY B 123 22.02 6.05 -8.08
CA GLY B 123 21.48 6.52 -9.34
C GLY B 123 22.52 7.29 -10.14
N SER B 124 22.51 7.09 -11.47
CA SER B 124 23.44 7.82 -12.33
C SER B 124 23.18 9.31 -12.24
N ASP B 125 24.24 10.08 -11.98
CA ASP B 125 24.11 11.52 -11.77
C ASP B 125 23.96 12.30 -13.07
N SER B 126 24.33 11.71 -14.20
CA SER B 126 24.28 12.43 -15.48
C SER B 126 24.14 11.41 -16.61
N VAL B 127 23.90 11.94 -17.81
CA VAL B 127 23.67 11.10 -18.98
C VAL B 127 24.92 10.29 -19.33
N LYS B 128 26.09 10.92 -19.22
CA LYS B 128 27.32 10.19 -19.53
C LYS B 128 27.76 9.28 -18.38
N SER B 129 27.39 9.62 -17.14
CA SER B 129 27.53 8.66 -16.05
C SER B 129 26.57 7.49 -16.24
N ALA B 130 25.37 7.77 -16.74
CA ALA B 130 24.44 6.69 -17.11
C ALA B 130 25.02 5.86 -18.26
N GLU B 131 25.59 6.53 -19.26
CA GLU B 131 26.15 5.81 -20.40
C GLU B 131 27.33 4.94 -20.00
N LYS B 132 28.13 5.40 -19.03
CA LYS B 132 29.26 4.61 -18.56
C LYS B 132 28.80 3.47 -17.65
N GLU B 133 27.80 3.73 -16.81
CA GLU B 133 27.36 2.72 -15.85
C GLU B 133 26.56 1.60 -16.49
N ILE B 134 25.76 1.92 -17.52
CA ILE B 134 25.01 0.88 -18.20
C ILE B 134 25.95 -0.06 -18.96
N SER B 135 26.94 0.52 -19.65
CA SER B 135 27.89 -0.31 -20.39
C SER B 135 28.82 -1.09 -19.47
N LEU B 136 28.88 -0.73 -18.19
CA LEU B 136 29.77 -1.39 -17.24
C LEU B 136 29.15 -2.63 -16.63
N TRP B 137 27.90 -2.56 -16.20
CA TRP B 137 27.24 -3.68 -15.54
C TRP B 137 26.44 -4.55 -16.49
N PHE B 138 26.07 -4.05 -17.66
CA PHE B 138 25.22 -4.77 -18.60
C PHE B 138 25.92 -4.93 -19.94
N GLN B 139 25.79 -6.10 -20.51
CA GLN B 139 26.14 -6.22 -21.92
C GLN B 139 24.93 -5.89 -22.77
N PRO B 140 25.12 -5.42 -24.01
CA PRO B 140 23.96 -5.09 -24.85
C PRO B 140 22.95 -6.21 -24.97
N GLU B 141 23.38 -7.46 -24.80
CA GLU B 141 22.45 -8.59 -24.90
C GLU B 141 21.42 -8.57 -23.76
N GLU B 142 21.85 -8.19 -22.57
CA GLU B 142 20.98 -8.21 -21.39
C GLU B 142 19.95 -7.09 -21.38
N LEU B 143 19.93 -6.22 -22.40
CA LEU B 143 19.00 -5.11 -22.44
C LEU B 143 17.86 -5.45 -23.39
N VAL B 144 16.63 -5.34 -22.91
CA VAL B 144 15.45 -5.79 -23.64
C VAL B 144 14.65 -4.55 -24.03
N GLU B 145 14.61 -4.27 -25.32
CA GLU B 145 13.79 -3.20 -25.86
C GLU B 145 12.42 -3.74 -26.23
N TYR B 146 11.38 -3.18 -25.64
CA TYR B 146 10.01 -3.54 -25.99
C TYR B 146 9.12 -2.31 -25.91
N LYS B 147 8.09 -2.28 -26.76
CA LYS B 147 7.10 -1.22 -26.73
C LYS B 147 6.12 -1.46 -25.58
N SER B 148 6.01 -0.46 -24.70
CA SER B 148 5.12 -0.52 -23.55
C SER B 148 3.68 -0.23 -23.97
N CYS B 149 2.76 -1.09 -23.51
CA CYS B 149 1.37 -1.01 -23.98
C CYS B 149 0.71 0.32 -23.67
N ALA B 150 1.23 1.09 -22.73
CA ALA B 150 0.64 2.39 -22.37
C ALA B 150 1.50 3.57 -22.81
N GLN B 151 2.38 3.37 -23.80
CA GLN B 151 3.34 4.41 -24.16
C GLN B 151 2.63 5.66 -24.68
N ASN B 152 1.58 5.48 -25.49
CA ASN B 152 0.82 6.60 -26.02
C ASN B 152 0.01 7.31 -24.95
N TRP B 153 -0.10 6.75 -23.75
CA TRP B 153 -0.72 7.42 -22.62
C TRP B 153 0.29 7.98 -21.63
N ILE B 154 1.55 7.59 -21.74
CA ILE B 154 2.60 8.25 -20.96
C ILE B 154 3.12 9.49 -21.67
N TYR B 155 3.12 9.50 -22.99
CA TYR B 155 3.81 10.52 -23.77
C TYR B 155 2.87 11.19 -24.76
N GLU B 156 3.31 12.36 -25.23
CA GLU B 156 2.58 13.17 -26.19
C GLU B 156 3.38 13.21 -27.49
N ALA C 6 25.44 8.43 19.06
CA ALA C 6 25.82 8.42 17.65
C ALA C 6 24.74 7.77 16.81
N ASN C 7 24.07 6.76 17.38
CA ASN C 7 22.89 6.16 16.78
C ASN C 7 21.83 5.86 17.83
N SER C 8 22.03 6.31 19.07
CA SER C 8 21.20 5.94 20.21
C SER C 8 20.27 7.06 20.67
N GLU C 9 20.18 8.15 19.92
CA GLU C 9 19.34 9.27 20.30
C GLU C 9 17.86 8.90 20.21
N ARG C 10 17.07 9.40 21.16
CA ARG C 10 15.65 9.07 21.26
C ARG C 10 14.81 10.34 21.12
N THR C 11 13.58 10.16 20.63
CA THR C 11 12.60 11.24 20.53
C THR C 11 11.25 10.74 21.00
N PHE C 12 10.36 11.68 21.30
CA PHE C 12 9.01 11.39 21.76
C PHE C 12 8.03 11.70 20.64
N ILE C 13 7.25 10.69 20.25
CA ILE C 13 6.23 10.83 19.21
C ILE C 13 4.89 10.41 19.81
N ALA C 14 3.88 11.26 19.64
CA ALA C 14 2.54 10.97 20.15
C ALA C 14 1.53 11.12 19.03
N ILE C 15 0.63 10.16 18.90
CA ILE C 15 -0.47 10.23 17.95
C ILE C 15 -1.66 10.84 18.67
N LYS C 16 -2.14 11.97 18.16
CA LYS C 16 -3.15 12.76 18.83
C LYS C 16 -4.52 12.09 18.71
N PRO C 17 -5.51 12.53 19.51
CA PRO C 17 -6.80 11.82 19.53
C PRO C 17 -7.45 11.69 18.17
N ASP C 18 -7.26 12.65 17.26
CA ASP C 18 -7.80 12.53 15.92
C ASP C 18 -7.02 11.53 15.07
N GLY C 19 -5.81 11.16 15.47
CA GLY C 19 -5.07 10.13 14.76
C GLY C 19 -5.49 8.73 15.14
N VAL C 20 -5.98 8.56 16.37
CA VAL C 20 -6.50 7.25 16.78
C VAL C 20 -7.90 7.02 16.23
N GLN C 21 -8.73 8.06 16.26
CA GLN C 21 -10.11 7.92 15.80
C GLN C 21 -10.20 7.64 14.31
N ARG C 22 -9.26 8.17 13.52
CA ARG C 22 -9.29 8.04 12.08
C ARG C 22 -8.51 6.84 11.57
N GLY C 23 -8.11 5.93 12.47
CA GLY C 23 -7.43 4.72 12.05
C GLY C 23 -6.06 4.92 11.43
N LEU C 24 -5.30 5.89 11.93
CA LEU C 24 -4.01 6.24 11.36
C LEU C 24 -2.85 5.76 12.21
N VAL C 25 -3.10 4.93 13.23
CA VAL C 25 -2.03 4.54 14.15
C VAL C 25 -1.04 3.61 13.46
N GLY C 26 -1.55 2.58 12.77
CA GLY C 26 -0.66 1.62 12.14
C GLY C 26 0.20 2.25 11.06
N GLU C 27 -0.41 3.09 10.22
CA GLU C 27 0.35 3.73 9.13
C GLU C 27 1.44 4.64 9.69
N ILE C 28 1.15 5.34 10.80
CA ILE C 28 2.14 6.22 11.40
C ILE C 28 3.34 5.42 11.91
N ILE C 29 3.07 4.33 12.63
CA ILE C 29 4.14 3.45 13.10
C ILE C 29 4.90 2.87 11.92
N LYS C 30 4.21 2.64 10.80
CA LYS C 30 4.85 2.03 9.62
C LYS C 30 5.92 2.95 9.05
N ARG C 31 5.63 4.26 8.96
CA ARG C 31 6.62 5.17 8.39
C ARG C 31 7.89 5.23 9.22
N PHE C 32 7.78 5.10 10.55
CA PHE C 32 8.95 5.05 11.40
C PHE C 32 9.63 3.68 11.38
N GLU C 33 8.91 2.61 11.05
CA GLU C 33 9.53 1.30 10.95
C GLU C 33 10.31 1.16 9.65
N GLN C 34 9.68 1.49 8.52
CA GLN C 34 10.38 1.41 7.25
C GLN C 34 11.51 2.42 7.14
N LYS C 35 11.44 3.52 7.91
CA LYS C 35 12.51 4.51 7.89
C LYS C 35 13.82 3.95 8.43
N GLY C 36 13.75 3.01 9.37
CA GLY C 36 14.95 2.43 9.93
C GLY C 36 15.09 2.68 11.42
N PHE C 37 14.08 3.32 12.01
CA PHE C 37 14.08 3.57 13.44
C PHE C 37 13.62 2.33 14.19
N ARG C 38 14.03 2.25 15.46
CA ARG C 38 13.70 1.15 16.33
C ARG C 38 12.78 1.65 17.45
N LEU C 39 11.67 0.97 17.64
CA LEU C 39 10.73 1.36 18.69
C LEU C 39 11.29 1.01 20.05
N VAL C 40 11.18 1.95 21.00
CA VAL C 40 11.70 1.79 22.34
C VAL C 40 10.58 1.78 23.39
N GLY C 41 9.57 2.63 23.22
CA GLY C 41 8.44 2.66 24.12
C GLY C 41 7.12 2.85 23.41
N LEU C 42 6.10 2.12 23.82
CA LEU C 42 4.78 2.19 23.21
C LEU C 42 3.73 2.00 24.30
N LYS C 43 2.75 2.90 24.34
CA LYS C 43 1.68 2.80 25.31
C LYS C 43 0.42 3.48 24.75
N PHE C 44 -0.72 3.09 25.29
CA PHE C 44 -2.01 3.64 24.92
C PHE C 44 -2.63 4.29 26.15
N LEU C 45 -2.99 5.57 26.02
CA LEU C 45 -3.26 6.39 27.19
C LEU C 45 -4.27 7.47 26.85
N GLN C 46 -5.07 7.83 27.85
CA GLN C 46 -5.92 9.02 27.79
C GLN C 46 -5.32 10.03 28.77
N ALA C 47 -4.59 11.00 28.22
CA ALA C 47 -3.84 11.93 29.04
C ALA C 47 -4.76 12.88 29.80
N SER C 48 -4.52 13.01 31.11
CA SER C 48 -5.23 14.00 31.90
C SER C 48 -4.78 15.41 31.51
N GLU C 49 -5.65 16.38 31.79
CA GLU C 49 -5.34 17.76 31.48
C GLU C 49 -4.09 18.24 32.21
N ASP C 50 -3.78 17.63 33.36
CA ASP C 50 -2.59 18.00 34.11
C ASP C 50 -1.33 17.47 33.42
N LEU C 51 -1.40 16.25 32.89
CA LEU C 51 -0.26 15.69 32.16
C LEU C 51 0.02 16.48 30.88
N LEU C 52 -1.03 17.06 30.28
CA LEU C 52 -0.86 17.80 29.02
C LEU C 52 -0.32 19.20 29.27
N LYS C 53 -0.75 19.85 30.36
CA LYS C 53 -0.32 21.22 30.63
C LYS C 53 1.18 21.28 30.86
N GLU C 54 1.75 20.27 31.53
CA GLU C 54 3.19 20.23 31.69
C GLU C 54 3.89 19.93 30.37
N HIS C 55 3.25 19.15 29.49
CA HIS C 55 3.80 18.92 28.16
C HIS C 55 3.79 20.20 27.33
N TYR C 56 2.70 20.98 27.43
CA TYR C 56 2.54 22.21 26.68
C TYR C 56 2.75 23.44 27.56
N THR C 57 3.76 23.43 28.42
CA THR C 57 3.98 24.55 29.33
C THR C 57 4.57 25.75 28.60
N ASP C 58 5.29 25.54 27.50
CA ASP C 58 5.82 26.65 26.73
C ASP C 58 4.74 27.42 25.99
N LEU C 59 3.52 26.89 25.94
CA LEU C 59 2.42 27.49 25.20
C LEU C 59 1.29 27.98 26.11
N LYS C 60 1.55 28.10 27.42
CA LYS C 60 0.50 28.50 28.35
C LYS C 60 0.02 29.93 28.12
N ASP C 61 0.83 30.77 27.49
CA ASP C 61 0.46 32.15 27.23
C ASP C 61 -0.27 32.35 25.91
N ARG C 62 -0.44 31.26 25.12
CA ARG C 62 -1.11 31.34 23.82
C ARG C 62 -2.63 31.23 23.99
N PRO C 63 -3.39 31.93 23.15
CA PRO C 63 -4.86 31.92 23.32
C PRO C 63 -5.49 30.55 23.11
N PHE C 64 -4.87 29.68 22.32
CA PHE C 64 -5.43 28.35 22.04
C PHE C 64 -5.10 27.33 23.11
N PHE C 65 -4.34 27.71 24.15
CA PHE C 65 -3.83 26.73 25.11
C PHE C 65 -4.94 25.92 25.75
N THR C 66 -6.08 26.56 26.05
CA THR C 66 -7.19 25.84 26.67
C THR C 66 -7.79 24.83 25.70
N GLY C 67 -8.12 25.26 24.48
CA GLY C 67 -8.71 24.36 23.52
C GLY C 67 -7.78 23.25 23.09
N LEU C 68 -6.47 23.51 23.11
CA LEU C 68 -5.50 22.47 22.77
C LEU C 68 -5.45 21.38 23.83
N VAL C 69 -5.49 21.76 25.11
CA VAL C 69 -5.44 20.77 26.18
C VAL C 69 -6.72 19.95 26.22
N LYS C 70 -7.87 20.60 26.06
CA LYS C 70 -9.14 19.88 26.13
C LYS C 70 -9.37 19.00 24.92
N TYR C 71 -8.82 19.36 23.76
CA TYR C 71 -8.90 18.48 22.61
C TYR C 71 -7.97 17.27 22.77
N MET C 72 -6.76 17.50 23.28
CA MET C 72 -5.85 16.39 23.54
C MET C 72 -6.35 15.49 24.66
N HIS C 73 -7.25 15.98 25.50
CA HIS C 73 -7.82 15.19 26.59
C HIS C 73 -9.14 14.53 26.20
N SER C 74 -9.80 15.01 25.15
CA SER C 74 -11.09 14.48 24.74
C SER C 74 -11.00 13.12 24.08
N GLY C 75 -9.80 12.61 23.85
CA GLY C 75 -9.64 11.30 23.26
C GLY C 75 -8.34 10.66 23.68
N PRO C 76 -8.22 9.35 23.44
CA PRO C 76 -6.97 8.66 23.77
C PRO C 76 -5.87 9.02 22.79
N VAL C 77 -4.64 8.97 23.28
CA VAL C 77 -3.46 9.19 22.46
C VAL C 77 -2.58 7.95 22.52
N VAL C 78 -1.80 7.74 21.48
CA VAL C 78 -0.77 6.72 21.46
C VAL C 78 0.57 7.42 21.64
N ALA C 79 1.29 7.07 22.71
CA ALA C 79 2.58 7.69 23.02
C ALA C 79 3.70 6.73 22.63
N MET C 80 4.66 7.22 21.85
CA MET C 80 5.75 6.40 21.35
C MET C 80 7.09 7.06 21.60
N VAL C 81 8.12 6.22 21.70
CA VAL C 81 9.51 6.64 21.79
C VAL C 81 10.29 5.90 20.73
N TRP C 82 10.98 6.65 19.86
CA TRP C 82 11.76 6.08 18.77
C TRP C 82 13.22 6.50 18.92
N GLU C 83 14.12 5.56 18.63
CA GLU C 83 15.55 5.77 18.76
C GLU C 83 16.23 5.64 17.41
N GLY C 84 17.20 6.51 17.16
CA GLY C 84 17.97 6.46 15.94
C GLY C 84 18.75 7.74 15.73
N LEU C 85 19.65 7.69 14.74
CA LEU C 85 20.43 8.86 14.36
C LEU C 85 19.52 9.96 13.85
N ASN C 86 19.45 11.07 14.59
CA ASN C 86 18.63 12.22 14.22
C ASN C 86 17.14 11.86 14.20
N VAL C 87 16.70 11.07 15.18
CA VAL C 87 15.29 10.72 15.23
C VAL C 87 14.46 11.93 15.65
N VAL C 88 15.05 12.86 16.41
CA VAL C 88 14.36 14.10 16.74
C VAL C 88 14.18 14.96 15.49
N LYS C 89 15.29 15.26 14.81
CA LYS C 89 15.26 16.16 13.66
C LYS C 89 14.50 15.55 12.49
N THR C 90 14.92 14.36 12.03
CA THR C 90 14.26 13.73 10.90
C THR C 90 12.81 13.38 11.23
N GLY C 91 12.51 13.10 12.50
CA GLY C 91 11.13 12.91 12.91
C GLY C 91 10.28 14.14 12.65
N ARG C 92 10.84 15.33 12.90
CA ARG C 92 10.16 16.56 12.53
C ARG C 92 9.98 16.66 11.02
N VAL C 93 10.97 16.18 10.26
CA VAL C 93 10.87 16.21 8.81
C VAL C 93 9.77 15.26 8.34
N MET C 94 9.77 14.03 8.87
CA MET C 94 8.76 13.05 8.48
C MET C 94 7.35 13.52 8.85
N LEU C 95 7.18 14.02 10.07
CA LEU C 95 5.89 14.59 10.46
C LEU C 95 5.50 15.73 9.53
N GLY C 96 6.47 16.54 9.11
CA GLY C 96 6.19 17.70 8.31
C GLY C 96 6.06 18.95 9.17
N GLU C 97 5.43 19.96 8.59
CA GLU C 97 5.20 21.19 9.31
C GLU C 97 4.04 21.05 10.28
N THR C 98 4.07 21.86 11.33
CA THR C 98 3.09 21.73 12.40
C THR C 98 1.68 22.08 11.93
N ASN C 99 1.56 23.07 11.04
CA ASN C 99 0.30 23.35 10.39
C ASN C 99 0.19 22.55 9.10
N PRO C 100 -0.80 21.66 8.97
CA PRO C 100 -0.84 20.79 7.77
C PRO C 100 -0.94 21.55 6.46
N ALA C 101 -1.48 22.77 6.46
CA ALA C 101 -1.58 23.54 5.22
C ALA C 101 -0.22 23.94 4.70
N ASP C 102 0.82 23.89 5.52
CA ASP C 102 2.19 24.12 5.08
C ASP C 102 2.96 22.82 4.84
N SER C 103 2.48 21.70 5.37
CA SER C 103 3.17 20.44 5.22
C SER C 103 3.15 20.00 3.77
N LYS C 104 4.21 19.34 3.36
CA LYS C 104 4.40 18.79 2.03
C LYS C 104 3.75 17.42 1.90
N PRO C 105 3.22 17.09 0.73
CA PRO C 105 2.76 15.72 0.49
C PRO C 105 3.89 14.72 0.66
N GLY C 106 3.57 13.57 1.26
CA GLY C 106 4.57 12.61 1.66
C GLY C 106 4.85 12.65 3.15
N THR C 107 4.68 13.81 3.78
CA THR C 107 4.74 13.88 5.23
C THR C 107 3.47 13.27 5.83
N ILE C 108 3.53 13.01 7.13
CA ILE C 108 2.38 12.40 7.79
C ILE C 108 1.21 13.36 7.82
N ARG C 109 1.45 14.61 8.25
CA ARG C 109 0.38 15.60 8.26
C ARG C 109 -0.04 15.99 6.85
N GLY C 110 0.91 16.00 5.90
CA GLY C 110 0.58 16.40 4.55
C GLY C 110 -0.29 15.41 3.81
N ASP C 111 -0.24 14.14 4.21
CA ASP C 111 -1.04 13.10 3.57
C ASP C 111 -2.38 12.86 4.25
N PHE C 112 -2.54 13.25 5.52
CA PHE C 112 -3.64 12.74 6.32
C PHE C 112 -4.47 13.79 7.06
N CYS C 113 -4.04 15.05 7.16
CA CYS C 113 -4.85 16.01 7.90
C CYS C 113 -4.77 17.39 7.26
N ILE C 114 -5.61 18.29 7.76
CA ILE C 114 -5.90 19.56 7.09
C ILE C 114 -5.61 20.75 8.00
N GLN C 115 -6.26 20.80 9.16
CA GLN C 115 -6.25 21.99 10.01
C GLN C 115 -5.20 21.86 11.11
N VAL C 116 -4.78 23.02 11.63
CA VAL C 116 -3.72 23.05 12.63
C VAL C 116 -4.18 22.38 13.93
N GLY C 117 -5.41 22.67 14.37
CA GLY C 117 -5.92 22.08 15.58
C GLY C 117 -6.27 20.60 15.50
N ARG C 118 -6.10 19.99 14.33
CA ARG C 118 -6.36 18.57 14.13
C ARG C 118 -5.23 17.97 13.28
N ASN C 119 -4.01 18.00 13.84
CA ASN C 119 -2.82 17.56 13.11
C ASN C 119 -2.34 16.17 13.54
N ILE C 120 -3.23 15.37 14.12
CA ILE C 120 -3.10 13.91 14.31
C ILE C 120 -1.86 13.46 15.08
N ILE C 121 -0.78 14.23 15.06
CA ILE C 121 0.48 13.73 15.60
C ILE C 121 1.27 14.88 16.21
N HIS C 122 2.10 14.54 17.21
CA HIS C 122 3.02 15.47 17.85
C HIS C 122 4.42 14.87 17.86
N GLY C 123 5.42 15.72 17.68
CA GLY C 123 6.80 15.30 17.75
C GLY C 123 7.59 16.23 18.66
N SER C 124 8.66 15.68 19.21
CA SER C 124 9.59 16.49 20.00
C SER C 124 10.35 17.45 19.08
N ASP C 125 10.41 18.73 19.46
CA ASP C 125 11.04 19.72 18.61
C ASP C 125 12.56 19.78 18.78
N SER C 126 13.11 19.18 19.83
CA SER C 126 14.54 19.26 20.06
C SER C 126 14.95 18.13 20.99
N VAL C 127 16.27 17.93 21.09
CA VAL C 127 16.82 16.93 22.00
C VAL C 127 16.49 17.27 23.44
N LYS C 128 16.35 18.57 23.75
CA LYS C 128 15.92 18.95 25.09
C LYS C 128 14.41 18.72 25.29
N SER C 129 13.61 19.02 24.27
CA SER C 129 12.19 18.69 24.34
C SER C 129 11.98 17.18 24.41
N ALA C 130 12.84 16.42 23.72
CA ALA C 130 12.69 14.97 23.70
C ALA C 130 12.87 14.37 25.09
N GLU C 131 13.98 14.71 25.76
CA GLU C 131 14.27 14.12 27.06
C GLU C 131 13.17 14.43 28.08
N LYS C 132 12.72 15.68 28.13
CA LYS C 132 11.67 16.06 29.07
C LYS C 132 10.37 15.33 28.76
N GLU C 133 10.00 15.24 27.49
CA GLU C 133 8.75 14.57 27.13
C GLU C 133 8.85 13.07 27.36
N ILE C 134 10.01 12.48 27.12
CA ILE C 134 10.19 11.04 27.35
C ILE C 134 10.06 10.72 28.83
N SER C 135 10.75 11.50 29.68
CA SER C 135 10.70 11.28 31.12
C SER C 135 9.36 11.67 31.73
N LEU C 136 8.50 12.38 31.00
CA LEU C 136 7.21 12.81 31.51
C LEU C 136 6.13 11.76 31.30
N TRP C 137 6.03 11.21 30.09
CA TRP C 137 5.02 10.23 29.76
C TRP C 137 5.42 8.80 30.11
N PHE C 138 6.72 8.49 30.12
CA PHE C 138 7.21 7.14 30.32
C PHE C 138 8.06 7.06 31.58
N GLN C 139 7.95 5.92 32.27
CA GLN C 139 8.90 5.62 33.33
C GLN C 139 10.03 4.78 32.77
N PRO C 140 11.25 4.92 33.32
CA PRO C 140 12.43 4.28 32.71
C PRO C 140 12.30 2.79 32.40
N GLU C 141 11.37 2.11 33.06
CA GLU C 141 11.21 0.68 32.83
C GLU C 141 10.36 0.41 31.60
N GLU C 142 9.32 1.22 31.37
CA GLU C 142 8.46 1.00 30.22
C GLU C 142 9.24 1.07 28.91
N LEU C 143 10.39 1.74 28.93
CA LEU C 143 11.27 1.79 27.77
C LEU C 143 12.01 0.47 27.61
N VAL C 144 11.93 -0.10 26.41
CA VAL C 144 12.53 -1.40 26.10
C VAL C 144 13.79 -1.15 25.28
N GLU C 145 14.91 -1.70 25.75
CA GLU C 145 16.17 -1.62 25.04
C GLU C 145 16.46 -2.96 24.37
N TYR C 146 16.59 -2.94 23.05
CA TYR C 146 16.98 -4.14 22.31
C TYR C 146 17.71 -3.70 21.04
N LYS C 147 18.19 -4.70 20.30
CA LYS C 147 18.98 -4.47 19.10
C LYS C 147 18.24 -5.00 17.89
N SER C 148 18.01 -4.13 16.91
CA SER C 148 17.38 -4.57 15.67
C SER C 148 18.34 -5.44 14.87
N CYS C 149 17.79 -6.52 14.29
CA CYS C 149 18.59 -7.45 13.50
C CYS C 149 19.21 -6.79 12.27
N ALA C 150 18.76 -5.59 11.89
CA ALA C 150 19.21 -4.94 10.67
C ALA C 150 20.16 -3.78 10.92
N GLN C 151 20.50 -3.47 12.17
CA GLN C 151 21.23 -2.24 12.48
C GLN C 151 22.58 -2.17 11.78
N ASN C 152 23.18 -3.31 11.42
CA ASN C 152 24.40 -3.29 10.64
C ASN C 152 24.14 -2.96 9.18
N TRP C 153 22.88 -2.95 8.75
CA TRP C 153 22.50 -2.51 7.41
C TRP C 153 21.86 -1.12 7.42
N ILE C 154 21.48 -0.62 8.59
CA ILE C 154 20.97 0.74 8.70
C ILE C 154 22.09 1.72 9.05
N TYR C 155 23.12 1.26 9.76
CA TYR C 155 24.23 2.09 10.18
C TYR C 155 25.55 1.41 9.85
N GLU C 156 26.57 2.23 9.64
CA GLU C 156 27.94 1.73 9.52
C GLU C 156 28.82 2.38 10.59
N MET D 5 -19.54 -10.92 -26.96
CA MET D 5 -18.78 -12.05 -26.42
C MET D 5 -18.78 -12.02 -24.89
N ALA D 6 -18.01 -12.94 -24.28
CA ALA D 6 -17.93 -13.03 -22.82
C ALA D 6 -16.81 -12.21 -22.21
N ASN D 7 -16.04 -11.47 -22.99
CA ASN D 7 -15.09 -10.53 -22.39
C ASN D 7 -15.73 -9.19 -22.11
N SER D 8 -17.00 -9.04 -22.43
CA SER D 8 -17.70 -7.77 -22.33
C SER D 8 -18.84 -7.78 -21.31
N GLU D 9 -18.96 -8.84 -20.53
CA GLU D 9 -20.01 -8.92 -19.53
C GLU D 9 -19.85 -7.81 -18.49
N ARG D 10 -20.98 -7.26 -18.05
CA ARG D 10 -20.98 -6.17 -17.08
C ARG D 10 -21.64 -6.60 -15.77
N THR D 11 -21.23 -5.95 -14.69
CA THR D 11 -21.84 -6.14 -13.38
C THR D 11 -22.11 -4.78 -12.75
N PHE D 12 -22.94 -4.78 -11.72
CA PHE D 12 -23.29 -3.58 -10.98
C PHE D 12 -22.70 -3.66 -9.58
N ILE D 13 -21.83 -2.71 -9.25
CA ILE D 13 -21.15 -2.66 -7.96
C ILE D 13 -21.43 -1.30 -7.34
N ALA D 14 -22.02 -1.30 -6.15
CA ALA D 14 -22.32 -0.07 -5.42
C ALA D 14 -21.58 -0.07 -4.10
N ILE D 15 -21.08 1.10 -3.72
CA ILE D 15 -20.42 1.30 -2.43
C ILE D 15 -21.44 1.92 -1.48
N LYS D 16 -21.83 1.16 -0.47
CA LYS D 16 -22.89 1.55 0.46
C LYS D 16 -22.51 2.84 1.21
N PRO D 17 -23.47 3.45 1.92
CA PRO D 17 -23.14 4.69 2.66
C PRO D 17 -22.05 4.51 3.70
N ASP D 18 -21.90 3.33 4.30
CA ASP D 18 -20.82 3.14 5.27
C ASP D 18 -19.47 2.95 4.59
N GLY D 19 -19.46 2.48 3.34
CA GLY D 19 -18.21 2.41 2.60
C GLY D 19 -17.70 3.78 2.21
N VAL D 20 -18.59 4.76 2.08
CA VAL D 20 -18.17 6.11 1.72
C VAL D 20 -17.72 6.88 2.95
N GLN D 21 -18.51 6.83 4.02
CA GLN D 21 -18.18 7.58 5.23
C GLN D 21 -16.83 7.15 5.81
N ARG D 22 -16.51 5.87 5.72
CA ARG D 22 -15.25 5.33 6.21
C ARG D 22 -14.15 5.37 5.16
N GLY D 23 -14.28 6.22 4.14
CA GLY D 23 -13.25 6.45 3.15
C GLY D 23 -12.65 5.21 2.50
N LEU D 24 -13.49 4.36 1.93
CA LEU D 24 -13.04 3.16 1.24
C LEU D 24 -13.23 3.21 -0.27
N VAL D 25 -13.70 4.34 -0.80
CA VAL D 25 -14.05 4.41 -2.22
C VAL D 25 -12.82 4.16 -3.09
N GLY D 26 -11.75 4.90 -2.84
CA GLY D 26 -10.54 4.74 -3.66
C GLY D 26 -9.95 3.34 -3.59
N GLU D 27 -10.07 2.69 -2.43
CA GLU D 27 -9.53 1.33 -2.28
C GLU D 27 -10.39 0.31 -3.01
N ILE D 28 -11.71 0.45 -2.94
CA ILE D 28 -12.60 -0.49 -3.63
C ILE D 28 -12.39 -0.41 -5.14
N ILE D 29 -12.29 0.81 -5.68
CA ILE D 29 -12.08 0.97 -7.11
C ILE D 29 -10.71 0.42 -7.50
N LYS D 30 -9.71 0.58 -6.63
CA LYS D 30 -8.36 0.16 -6.97
C LYS D 30 -8.27 -1.36 -7.12
N ARG D 31 -8.97 -2.11 -6.27
CA ARG D 31 -8.96 -3.56 -6.38
C ARG D 31 -9.62 -4.06 -7.65
N PHE D 32 -10.63 -3.34 -8.14
CA PHE D 32 -11.25 -3.71 -9.42
C PHE D 32 -10.38 -3.30 -10.59
N GLU D 33 -9.70 -2.15 -10.50
CA GLU D 33 -8.81 -1.71 -11.57
C GLU D 33 -7.62 -2.65 -11.71
N GLN D 34 -6.91 -2.92 -10.60
CA GLN D 34 -5.72 -3.76 -10.66
C GLN D 34 -6.09 -5.18 -11.08
N LYS D 35 -7.32 -5.62 -10.80
CA LYS D 35 -7.76 -6.94 -11.24
C LYS D 35 -7.73 -7.06 -12.75
N GLY D 36 -7.97 -5.95 -13.45
CA GLY D 36 -8.05 -5.95 -14.90
C GLY D 36 -9.40 -5.55 -15.46
N PHE D 37 -10.41 -5.33 -14.63
CA PHE D 37 -11.73 -4.95 -15.13
C PHE D 37 -11.76 -3.48 -15.52
N ARG D 38 -12.64 -3.17 -16.45
CA ARG D 38 -12.77 -1.82 -16.99
C ARG D 38 -13.92 -1.09 -16.32
N LEU D 39 -13.71 0.19 -16.02
CA LEU D 39 -14.77 1.03 -15.48
C LEU D 39 -15.65 1.49 -16.63
N VAL D 40 -16.94 1.18 -16.56
CA VAL D 40 -17.90 1.57 -17.58
C VAL D 40 -18.77 2.72 -17.12
N GLY D 41 -19.32 2.64 -15.91
CA GLY D 41 -20.17 3.69 -15.38
C GLY D 41 -19.83 4.06 -13.95
N LEU D 42 -19.93 5.34 -13.62
CA LEU D 42 -19.53 5.83 -12.30
C LEU D 42 -20.36 7.06 -11.96
N LYS D 43 -21.01 7.04 -10.80
CA LYS D 43 -21.78 8.18 -10.34
C LYS D 43 -21.82 8.19 -8.83
N PHE D 44 -22.14 9.37 -8.28
CA PHE D 44 -22.23 9.60 -6.84
C PHE D 44 -23.62 10.13 -6.55
N LEU D 45 -24.38 9.40 -5.73
CA LEU D 45 -25.82 9.61 -5.66
C LEU D 45 -26.32 9.34 -4.24
N GLN D 46 -27.36 10.09 -3.85
CA GLN D 46 -28.11 9.82 -2.63
C GLN D 46 -29.42 9.14 -3.06
N ALA D 47 -29.40 7.81 -3.08
CA ALA D 47 -30.53 7.05 -3.59
C ALA D 47 -31.78 7.30 -2.76
N SER D 48 -32.90 7.51 -3.46
CA SER D 48 -34.16 7.75 -2.79
C SER D 48 -34.76 6.44 -2.27
N GLU D 49 -35.69 6.56 -1.32
CA GLU D 49 -36.34 5.40 -0.74
C GLU D 49 -37.25 4.68 -1.72
N ASP D 50 -37.44 5.23 -2.93
CA ASP D 50 -38.13 4.54 -4.00
C ASP D 50 -37.19 3.76 -4.92
N LEU D 51 -35.89 4.08 -4.90
CA LEU D 51 -34.97 3.47 -5.87
C LEU D 51 -34.42 2.15 -5.36
N LEU D 52 -34.01 2.09 -4.09
CA LEU D 52 -33.49 0.87 -3.48
C LEU D 52 -34.59 -0.16 -3.21
N LYS D 53 -35.85 0.27 -3.15
CA LYS D 53 -36.95 -0.68 -2.99
C LYS D 53 -37.03 -1.63 -4.18
N GLU D 54 -37.05 -1.08 -5.39
CA GLU D 54 -37.04 -1.93 -6.57
C GLU D 54 -35.70 -2.65 -6.72
N HIS D 55 -34.62 -2.05 -6.22
CA HIS D 55 -33.34 -2.77 -6.18
C HIS D 55 -33.40 -3.95 -5.22
N TYR D 56 -33.99 -3.76 -4.05
CA TYR D 56 -34.17 -4.82 -3.06
C TYR D 56 -35.60 -5.34 -3.06
N THR D 57 -36.19 -5.51 -4.25
CA THR D 57 -37.57 -5.97 -4.31
C THR D 57 -37.68 -7.44 -3.90
N ASP D 58 -36.62 -8.23 -4.12
CA ASP D 58 -36.63 -9.63 -3.71
C ASP D 58 -36.58 -9.80 -2.20
N LEU D 59 -36.25 -8.75 -1.46
CA LEU D 59 -36.09 -8.82 -0.02
C LEU D 59 -37.18 -8.04 0.73
N LYS D 60 -38.25 -7.65 0.05
CA LYS D 60 -39.33 -6.97 0.72
C LYS D 60 -40.03 -7.82 1.78
N ASP D 61 -39.92 -9.15 1.68
CA ASP D 61 -40.53 -10.04 2.66
C ASP D 61 -39.52 -10.59 3.66
N ARG D 62 -38.50 -9.83 4.00
CA ARG D 62 -37.48 -10.08 4.99
C ARG D 62 -37.58 -9.06 6.12
N PRO D 63 -37.44 -9.48 7.37
CA PRO D 63 -37.67 -8.55 8.49
C PRO D 63 -36.72 -7.37 8.52
N PHE D 64 -35.55 -7.47 7.90
CA PHE D 64 -34.59 -6.37 7.90
C PHE D 64 -34.82 -5.38 6.78
N PHE D 65 -35.81 -5.62 5.91
CA PHE D 65 -35.95 -4.83 4.70
C PHE D 65 -36.14 -3.35 5.00
N THR D 66 -36.84 -3.02 6.09
CA THR D 66 -37.08 -1.63 6.43
C THR D 66 -35.78 -0.93 6.80
N GLY D 67 -35.04 -1.48 7.77
CA GLY D 67 -33.79 -0.88 8.19
C GLY D 67 -32.70 -0.92 7.15
N LEU D 68 -32.87 -1.74 6.11
CA LEU D 68 -31.86 -1.80 5.05
C LEU D 68 -32.08 -0.69 4.02
N VAL D 69 -33.33 -0.41 3.67
CA VAL D 69 -33.62 0.68 2.74
C VAL D 69 -33.21 2.02 3.33
N LYS D 70 -33.56 2.26 4.60
CA LYS D 70 -33.26 3.55 5.21
C LYS D 70 -31.79 3.70 5.54
N TYR D 71 -31.08 2.59 5.75
CA TYR D 71 -29.63 2.66 5.89
C TYR D 71 -28.98 2.99 4.55
N MET D 72 -29.43 2.34 3.48
CA MET D 72 -28.97 2.67 2.14
C MET D 72 -29.32 4.11 1.76
N HIS D 73 -30.36 4.67 2.37
CA HIS D 73 -30.79 6.03 2.10
C HIS D 73 -30.14 7.06 3.02
N SER D 74 -29.57 6.61 4.14
CA SER D 74 -29.01 7.52 5.14
C SER D 74 -27.73 8.19 4.68
N GLY D 75 -27.16 7.79 3.56
CA GLY D 75 -25.94 8.39 3.06
C GLY D 75 -25.79 8.27 1.57
N PRO D 76 -24.76 8.91 1.02
CA PRO D 76 -24.51 8.81 -0.42
C PRO D 76 -23.80 7.51 -0.78
N VAL D 77 -24.08 7.04 -1.99
CA VAL D 77 -23.48 5.82 -2.50
C VAL D 77 -22.75 6.13 -3.80
N VAL D 78 -21.89 5.20 -4.19
CA VAL D 78 -21.13 5.29 -5.43
C VAL D 78 -21.55 4.10 -6.28
N ALA D 79 -22.46 4.33 -7.24
CA ALA D 79 -22.88 3.28 -8.15
C ALA D 79 -21.85 3.11 -9.26
N MET D 80 -21.47 1.86 -9.53
CA MET D 80 -20.43 1.56 -10.51
C MET D 80 -20.88 0.42 -11.43
N VAL D 81 -20.37 0.46 -12.66
CA VAL D 81 -20.53 -0.61 -13.62
C VAL D 81 -19.14 -1.03 -14.09
N TRP D 82 -18.84 -2.31 -14.00
CA TRP D 82 -17.56 -2.86 -14.42
C TRP D 82 -17.79 -3.93 -15.48
N GLU D 83 -16.89 -3.99 -16.46
CA GLU D 83 -17.00 -4.93 -17.56
C GLU D 83 -15.77 -5.83 -17.61
N GLY D 84 -16.02 -7.11 -17.83
CA GLY D 84 -14.93 -8.07 -17.98
C GLY D 84 -15.46 -9.48 -17.98
N LEU D 85 -14.56 -10.41 -18.30
CA LEU D 85 -14.90 -11.83 -18.30
C LEU D 85 -15.29 -12.27 -16.89
N ASN D 86 -16.51 -12.76 -16.75
CA ASN D 86 -17.03 -13.28 -15.48
C ASN D 86 -16.98 -12.22 -14.38
N VAL D 87 -17.22 -10.96 -14.75
CA VAL D 87 -17.16 -9.89 -13.76
C VAL D 87 -18.29 -10.01 -12.73
N VAL D 88 -19.38 -10.68 -13.08
CA VAL D 88 -20.46 -10.87 -12.11
C VAL D 88 -20.04 -11.86 -11.04
N LYS D 89 -19.54 -13.03 -11.44
CA LYS D 89 -19.12 -14.05 -10.48
C LYS D 89 -17.85 -13.62 -9.75
N THR D 90 -16.79 -13.29 -10.51
CA THR D 90 -15.55 -12.87 -9.88
C THR D 90 -15.69 -11.58 -9.11
N GLY D 91 -16.71 -10.78 -9.42
CA GLY D 91 -17.03 -9.64 -8.57
C GLY D 91 -17.51 -10.07 -7.20
N ARG D 92 -18.35 -11.11 -7.15
CA ARG D 92 -18.85 -11.59 -5.87
C ARG D 92 -17.73 -12.16 -5.01
N VAL D 93 -16.78 -12.88 -5.63
CA VAL D 93 -15.68 -13.45 -4.88
C VAL D 93 -14.78 -12.35 -4.31
N MET D 94 -14.49 -11.31 -5.11
CA MET D 94 -13.70 -10.20 -4.60
C MET D 94 -14.39 -9.49 -3.44
N LEU D 95 -15.71 -9.36 -3.52
CA LEU D 95 -16.46 -8.76 -2.43
C LEU D 95 -16.40 -9.63 -1.18
N GLY D 96 -16.41 -10.95 -1.36
CA GLY D 96 -16.53 -11.85 -0.23
C GLY D 96 -17.99 -12.19 0.05
N GLU D 97 -18.18 -12.90 1.14
CA GLU D 97 -19.54 -13.31 1.50
C GLU D 97 -20.33 -12.12 2.01
N THR D 98 -21.65 -12.17 1.81
CA THR D 98 -22.52 -11.08 2.20
C THR D 98 -22.47 -10.84 3.70
N ASN D 99 -22.35 -11.91 4.47
CA ASN D 99 -22.08 -11.80 5.91
C ASN D 99 -20.57 -11.64 6.07
N PRO D 100 -20.11 -10.45 6.51
CA PRO D 100 -18.67 -10.23 6.63
C PRO D 100 -17.98 -11.18 7.58
N ALA D 101 -18.70 -11.74 8.55
CA ALA D 101 -18.12 -12.74 9.43
C ALA D 101 -17.70 -13.99 8.67
N ASP D 102 -18.37 -14.27 7.55
CA ASP D 102 -18.01 -15.40 6.70
C ASP D 102 -17.11 -14.99 5.54
N SER D 103 -16.76 -13.72 5.43
CA SER D 103 -15.86 -13.27 4.38
C SER D 103 -14.43 -13.68 4.70
N LYS D 104 -13.66 -13.99 3.65
CA LYS D 104 -12.31 -14.46 3.88
C LYS D 104 -11.30 -13.33 3.69
N PRO D 105 -10.24 -13.30 4.50
CA PRO D 105 -9.26 -12.21 4.41
C PRO D 105 -8.64 -12.14 3.02
N GLY D 106 -8.64 -10.93 2.45
CA GLY D 106 -8.32 -10.70 1.06
C GLY D 106 -9.51 -10.19 0.26
N THR D 107 -10.72 -10.52 0.70
CA THR D 107 -11.93 -9.98 0.11
C THR D 107 -12.18 -8.57 0.62
N ILE D 108 -13.09 -7.87 -0.06
CA ILE D 108 -13.41 -6.50 0.34
C ILE D 108 -14.08 -6.49 1.72
N ARG D 109 -15.00 -7.42 1.95
CA ARG D 109 -15.70 -7.46 3.23
C ARG D 109 -14.92 -8.16 4.33
N GLY D 110 -13.99 -9.06 3.97
CA GLY D 110 -13.12 -9.66 4.95
C GLY D 110 -12.03 -8.74 5.44
N ASP D 111 -11.73 -7.68 4.68
CA ASP D 111 -10.72 -6.71 5.07
C ASP D 111 -11.29 -5.48 5.75
N PHE D 112 -12.56 -5.12 5.48
CA PHE D 112 -13.00 -3.77 5.76
C PHE D 112 -14.31 -3.63 6.55
N CYS D 113 -14.95 -4.72 6.96
CA CYS D 113 -16.21 -4.56 7.68
C CYS D 113 -16.49 -5.79 8.52
N ILE D 114 -17.46 -5.67 9.44
CA ILE D 114 -17.72 -6.64 10.48
C ILE D 114 -19.14 -7.18 10.41
N GLN D 115 -20.14 -6.30 10.33
CA GLN D 115 -21.54 -6.68 10.48
C GLN D 115 -22.24 -6.78 9.13
N VAL D 116 -23.24 -7.67 9.07
CA VAL D 116 -24.04 -7.81 7.87
C VAL D 116 -24.78 -6.51 7.58
N GLY D 117 -25.34 -5.87 8.61
CA GLY D 117 -26.03 -4.59 8.39
C GLY D 117 -25.15 -3.47 7.84
N ARG D 118 -23.83 -3.67 7.80
CA ARG D 118 -22.88 -2.68 7.33
C ARG D 118 -21.76 -3.41 6.57
N ASN D 119 -22.09 -3.91 5.37
CA ASN D 119 -21.10 -4.60 4.53
C ASN D 119 -20.66 -3.74 3.34
N ILE D 120 -20.72 -2.41 3.50
CA ILE D 120 -20.09 -1.38 2.66
C ILE D 120 -20.32 -1.50 1.15
N ILE D 121 -20.46 -2.70 0.61
CA ILE D 121 -20.43 -2.86 -0.83
C ILE D 121 -21.47 -3.87 -1.28
N HIS D 122 -21.96 -3.70 -2.50
CA HIS D 122 -22.93 -4.59 -3.11
C HIS D 122 -22.40 -5.11 -4.43
N GLY D 123 -22.77 -6.35 -4.76
CA GLY D 123 -22.40 -6.94 -6.02
C GLY D 123 -23.58 -7.65 -6.65
N SER D 124 -23.55 -7.75 -7.97
CA SER D 124 -24.62 -8.43 -8.68
C SER D 124 -24.52 -9.94 -8.48
N ASP D 125 -25.60 -10.55 -8.02
CA ASP D 125 -25.60 -11.98 -7.76
C ASP D 125 -25.60 -12.80 -9.04
N SER D 126 -26.11 -12.26 -10.14
CA SER D 126 -26.22 -13.02 -11.39
C SER D 126 -26.25 -12.06 -12.56
N VAL D 127 -26.13 -12.61 -13.76
CA VAL D 127 -26.13 -11.81 -14.98
C VAL D 127 -27.45 -11.07 -15.13
N LYS D 128 -28.57 -11.77 -14.89
CA LYS D 128 -29.87 -11.16 -15.06
C LYS D 128 -30.17 -10.13 -13.97
N SER D 129 -29.66 -10.36 -12.76
CA SER D 129 -29.74 -9.31 -11.74
C SER D 129 -28.89 -8.11 -12.13
N ALA D 130 -27.70 -8.37 -12.69
CA ALA D 130 -26.82 -7.28 -13.12
C ALA D 130 -27.50 -6.41 -14.17
N GLU D 131 -28.13 -7.04 -15.16
CA GLU D 131 -28.78 -6.27 -16.22
C GLU D 131 -30.03 -5.57 -15.72
N LYS D 132 -30.71 -6.13 -14.71
CA LYS D 132 -31.86 -5.46 -14.14
C LYS D 132 -31.44 -4.21 -13.36
N GLU D 133 -30.33 -4.31 -12.63
CA GLU D 133 -29.90 -3.20 -11.79
C GLU D 133 -29.16 -2.13 -12.58
N ILE D 134 -28.36 -2.54 -13.57
CA ILE D 134 -27.67 -1.57 -14.42
C ILE D 134 -28.66 -0.65 -15.11
N SER D 135 -29.79 -1.21 -15.58
CA SER D 135 -30.84 -0.39 -16.17
C SER D 135 -31.67 0.35 -15.12
N LEU D 136 -31.49 0.04 -13.83
CA LEU D 136 -32.22 0.71 -12.77
C LEU D 136 -31.47 1.93 -12.24
N TRP D 137 -30.15 1.83 -12.11
CA TRP D 137 -29.34 2.95 -11.64
C TRP D 137 -28.80 3.81 -12.79
N PHE D 138 -28.53 3.20 -13.94
CA PHE D 138 -27.88 3.87 -15.05
C PHE D 138 -28.79 3.89 -16.27
N GLN D 139 -28.77 5.01 -16.97
CA GLN D 139 -29.34 5.13 -18.31
C GLN D 139 -28.27 4.83 -19.35
N PRO D 140 -28.67 4.39 -20.55
CA PRO D 140 -27.66 4.04 -21.58
C PRO D 140 -26.72 5.19 -21.94
N GLU D 141 -27.05 6.43 -21.58
CA GLU D 141 -26.16 7.53 -21.90
C GLU D 141 -24.94 7.56 -20.97
N GLU D 142 -25.14 7.24 -19.70
CA GLU D 142 -24.07 7.37 -18.71
C GLU D 142 -23.02 6.28 -18.81
N LEU D 143 -23.22 5.27 -19.65
CA LEU D 143 -22.29 4.16 -19.75
C LEU D 143 -21.26 4.46 -20.84
N VAL D 144 -19.98 4.54 -20.46
CA VAL D 144 -18.91 4.92 -21.35
C VAL D 144 -18.25 3.66 -21.88
N GLU D 145 -18.27 3.48 -23.19
CA GLU D 145 -17.56 2.39 -23.85
C GLU D 145 -16.21 2.89 -24.34
N TYR D 146 -15.14 2.22 -23.90
CA TYR D 146 -13.79 2.53 -24.36
C TYR D 146 -12.96 1.25 -24.27
N LYS D 147 -11.99 1.13 -25.15
CA LYS D 147 -11.10 -0.03 -25.17
C LYS D 147 -9.89 0.26 -24.27
N SER D 148 -9.78 -0.48 -23.17
CA SER D 148 -8.61 -0.36 -22.32
C SER D 148 -7.34 -0.66 -23.11
N CYS D 149 -6.29 0.10 -22.83
CA CYS D 149 -5.08 -0.04 -23.65
C CYS D 149 -4.35 -1.34 -23.37
N ALA D 150 -4.55 -1.96 -22.21
CA ALA D 150 -3.90 -3.21 -21.85
C ALA D 150 -4.79 -4.42 -22.08
N GLN D 151 -5.76 -4.31 -23.00
CA GLN D 151 -6.72 -5.40 -23.20
C GLN D 151 -6.05 -6.66 -23.73
N ASN D 152 -5.19 -6.51 -24.74
CA ASN D 152 -4.50 -7.66 -25.32
C ASN D 152 -3.52 -8.30 -24.34
N TRP D 153 -3.31 -7.71 -23.16
CA TRP D 153 -2.54 -8.34 -22.10
C TRP D 153 -3.39 -8.86 -20.96
N ILE D 154 -4.69 -8.55 -20.96
CA ILE D 154 -5.59 -9.05 -19.94
C ILE D 154 -6.33 -10.26 -20.51
N TYR D 155 -6.52 -10.29 -21.83
CA TYR D 155 -7.26 -11.35 -22.50
C TYR D 155 -6.47 -11.87 -23.68
N GLU D 156 -6.72 -13.13 -24.03
CA GLU D 156 -6.14 -13.72 -25.22
C GLU D 156 -7.26 -14.10 -26.19
N ALA E 4 19.35 -25.27 7.22
CA ALA E 4 19.65 -26.61 6.74
C ALA E 4 19.29 -26.76 5.27
N MET E 5 19.07 -28.00 4.83
CA MET E 5 18.64 -28.25 3.46
C MET E 5 17.19 -27.81 3.26
N ALA E 6 16.31 -28.18 4.19
CA ALA E 6 14.92 -27.73 4.10
C ALA E 6 14.82 -26.22 4.15
N ASN E 7 15.64 -25.57 4.99
CA ASN E 7 15.63 -24.12 5.10
C ASN E 7 16.35 -23.46 3.93
N SER E 8 16.36 -24.11 2.77
CA SER E 8 17.14 -23.59 1.64
C SER E 8 16.63 -24.10 0.29
N GLU E 9 15.45 -24.71 0.27
CA GLU E 9 14.91 -25.23 -0.97
C GLU E 9 14.53 -24.10 -1.92
N ARG E 10 14.75 -24.33 -3.21
CA ARG E 10 14.58 -23.31 -4.24
C ARG E 10 13.41 -23.63 -5.16
N THR E 11 12.77 -22.57 -5.66
CA THR E 11 11.72 -22.69 -6.67
C THR E 11 11.99 -21.67 -7.78
N PHE E 12 11.25 -21.80 -8.88
CA PHE E 12 11.39 -20.92 -10.05
C PHE E 12 10.06 -20.23 -10.31
N ILE E 13 10.00 -18.94 -10.01
CA ILE E 13 8.81 -18.12 -10.26
C ILE E 13 9.13 -17.15 -11.40
N ALA E 14 8.29 -17.18 -12.43
CA ALA E 14 8.49 -16.35 -13.62
C ALA E 14 7.32 -15.39 -13.77
N ILE E 15 7.63 -14.11 -13.97
CA ILE E 15 6.63 -13.09 -14.25
C ILE E 15 6.45 -13.02 -15.76
N LYS E 16 5.23 -13.25 -16.23
CA LYS E 16 4.94 -13.37 -17.65
C LYS E 16 4.83 -11.98 -18.30
N PRO E 17 4.87 -11.91 -19.63
CA PRO E 17 4.86 -10.60 -20.30
C PRO E 17 3.69 -9.69 -19.91
N ASP E 18 2.51 -10.25 -19.64
CA ASP E 18 1.40 -9.40 -19.22
C ASP E 18 1.59 -8.86 -17.81
N GLY E 19 2.31 -9.60 -16.96
CA GLY E 19 2.68 -9.05 -15.67
C GLY E 19 3.69 -7.93 -15.80
N VAL E 20 4.63 -8.06 -16.73
CA VAL E 20 5.61 -7.02 -16.97
C VAL E 20 4.95 -5.80 -17.60
N GLN E 21 4.09 -6.02 -18.60
CA GLN E 21 3.49 -4.91 -19.32
C GLN E 21 2.58 -4.07 -18.42
N ARG E 22 1.84 -4.71 -17.52
CA ARG E 22 0.89 -4.02 -16.67
C ARG E 22 1.50 -3.48 -15.38
N GLY E 23 2.83 -3.54 -15.26
CA GLY E 23 3.51 -2.95 -14.11
C GLY E 23 3.28 -3.67 -12.81
N LEU E 24 3.48 -4.99 -12.81
CA LEU E 24 3.27 -5.80 -11.63
C LEU E 24 4.54 -6.49 -11.15
N VAL E 25 5.71 -6.04 -11.62
CA VAL E 25 6.97 -6.68 -11.26
C VAL E 25 7.33 -6.38 -9.81
N GLY E 26 7.23 -5.12 -9.41
CA GLY E 26 7.60 -4.75 -8.05
C GLY E 26 6.67 -5.35 -7.02
N GLU E 27 5.37 -5.43 -7.34
CA GLU E 27 4.39 -5.95 -6.39
C GLU E 27 4.62 -7.43 -6.12
N ILE E 28 4.96 -8.20 -7.16
CA ILE E 28 5.20 -9.63 -6.99
C ILE E 28 6.45 -9.85 -6.13
N ILE E 29 7.52 -9.10 -6.39
CA ILE E 29 8.74 -9.25 -5.60
C ILE E 29 8.48 -8.87 -4.14
N LYS E 30 7.68 -7.82 -3.93
CA LYS E 30 7.40 -7.35 -2.57
C LYS E 30 6.68 -8.42 -1.76
N ARG E 31 5.76 -9.16 -2.38
CA ARG E 31 5.01 -10.17 -1.64
C ARG E 31 5.91 -11.34 -1.23
N PHE E 32 6.80 -11.78 -2.12
CA PHE E 32 7.73 -12.84 -1.77
C PHE E 32 8.76 -12.35 -0.75
N GLU E 33 9.19 -11.09 -0.86
CA GLU E 33 10.11 -10.52 0.12
C GLU E 33 9.49 -10.50 1.51
N GLN E 34 8.32 -9.87 1.63
CA GLN E 34 7.69 -9.73 2.94
C GLN E 34 7.23 -11.07 3.51
N LYS E 35 7.10 -12.10 2.65
CA LYS E 35 6.78 -13.43 3.14
C LYS E 35 7.94 -13.99 3.97
N GLY E 36 9.18 -13.68 3.59
CA GLY E 36 10.34 -14.12 4.32
C GLY E 36 11.30 -14.95 3.49
N PHE E 37 11.07 -15.02 2.19
CA PHE E 37 11.90 -15.82 1.30
C PHE E 37 13.08 -14.99 0.77
N ARG E 38 14.13 -15.71 0.38
CA ARG E 38 15.42 -15.09 0.03
C ARG E 38 15.58 -15.06 -1.48
N LEU E 39 15.78 -13.87 -2.03
CA LEU E 39 16.04 -13.70 -3.45
C LEU E 39 17.41 -14.30 -3.77
N VAL E 40 17.42 -15.32 -4.62
CA VAL E 40 18.66 -15.98 -5.00
C VAL E 40 19.12 -15.61 -6.41
N GLY E 41 18.19 -15.42 -7.34
CA GLY E 41 18.55 -15.04 -8.70
C GLY E 41 17.45 -14.24 -9.33
N LEU E 42 17.82 -13.43 -10.32
CA LEU E 42 16.88 -12.53 -10.97
C LEU E 42 17.46 -12.11 -12.31
N LYS E 43 16.67 -12.28 -13.38
CA LYS E 43 17.13 -11.89 -14.71
C LYS E 43 15.95 -11.39 -15.53
N PHE E 44 16.21 -10.41 -16.38
CA PHE E 44 15.24 -9.86 -17.32
C PHE E 44 15.59 -10.36 -18.71
N LEU E 45 14.59 -10.85 -19.44
CA LEU E 45 14.87 -11.71 -20.58
C LEU E 45 13.69 -11.75 -21.54
N GLN E 46 13.99 -11.73 -22.83
CA GLN E 46 13.03 -12.09 -23.88
C GLN E 46 13.38 -13.51 -24.32
N ALA E 47 12.78 -14.49 -23.66
CA ALA E 47 13.07 -15.88 -23.92
C ALA E 47 12.57 -16.29 -25.31
N SER E 48 13.27 -17.23 -25.92
CA SER E 48 12.98 -17.66 -27.28
C SER E 48 11.94 -18.78 -27.29
N GLU E 49 11.33 -18.98 -28.46
CA GLU E 49 10.35 -20.05 -28.65
C GLU E 49 10.91 -21.40 -28.23
N ASP E 50 12.21 -21.60 -28.38
CA ASP E 50 12.83 -22.88 -28.06
C ASP E 50 12.98 -23.09 -26.56
N LEU E 51 13.40 -22.05 -25.84
CA LEU E 51 13.52 -22.15 -24.39
C LEU E 51 12.17 -22.45 -23.74
N LEU E 52 11.10 -21.86 -24.29
CA LEU E 52 9.77 -22.06 -23.72
C LEU E 52 9.22 -23.44 -24.01
N LYS E 53 9.55 -24.02 -25.18
CA LYS E 53 9.07 -25.34 -25.52
C LYS E 53 9.53 -26.38 -24.52
N GLU E 54 10.81 -26.32 -24.14
CA GLU E 54 11.32 -27.26 -23.14
C GLU E 54 10.73 -26.98 -21.77
N HIS E 55 10.49 -25.71 -21.45
CA HIS E 55 9.86 -25.37 -20.18
C HIS E 55 8.46 -25.96 -20.08
N TYR E 56 7.67 -25.83 -21.14
CA TYR E 56 6.33 -26.39 -21.21
C TYR E 56 6.30 -27.71 -21.97
N THR E 57 7.34 -28.54 -21.82
CA THR E 57 7.41 -29.76 -22.60
C THR E 57 6.32 -30.76 -22.19
N ASP E 58 5.84 -30.68 -20.95
CA ASP E 58 4.75 -31.56 -20.51
C ASP E 58 3.40 -31.14 -21.05
N LEU E 59 3.36 -30.10 -21.90
CA LEU E 59 2.11 -29.60 -22.48
C LEU E 59 2.13 -29.59 -23.99
N LYS E 60 3.12 -30.24 -24.61
CA LYS E 60 3.20 -30.28 -26.06
C LYS E 60 1.98 -30.93 -26.68
N ASP E 61 1.36 -31.88 -25.97
CA ASP E 61 0.14 -32.55 -26.42
C ASP E 61 -1.12 -31.81 -26.00
N ARG E 62 -1.08 -30.48 -25.92
CA ARG E 62 -2.26 -29.72 -25.54
C ARG E 62 -2.56 -28.65 -26.59
N PRO E 63 -3.83 -28.43 -26.93
CA PRO E 63 -4.16 -27.52 -28.04
C PRO E 63 -3.66 -26.10 -27.84
N PHE E 64 -3.58 -25.60 -26.61
CA PHE E 64 -3.12 -24.24 -26.36
C PHE E 64 -1.61 -24.11 -26.31
N PHE E 65 -0.86 -25.20 -26.55
CA PHE E 65 0.58 -25.18 -26.37
C PHE E 65 1.26 -24.19 -27.32
N THR E 66 0.73 -24.03 -28.53
CA THR E 66 1.40 -23.17 -29.50
C THR E 66 1.11 -21.70 -29.26
N GLY E 67 -0.13 -21.37 -28.89
CA GLY E 67 -0.45 -20.00 -28.49
C GLY E 67 0.15 -19.60 -27.17
N LEU E 68 0.49 -20.57 -26.33
CA LEU E 68 1.15 -20.26 -25.06
C LEU E 68 2.60 -19.86 -25.28
N VAL E 69 3.31 -20.62 -26.11
CA VAL E 69 4.72 -20.31 -26.39
C VAL E 69 4.86 -18.99 -27.12
N LYS E 70 3.92 -18.67 -28.02
CA LYS E 70 4.00 -17.40 -28.74
C LYS E 70 3.61 -16.21 -27.87
N TYR E 71 2.74 -16.44 -26.87
CA TYR E 71 2.43 -15.36 -25.93
C TYR E 71 3.57 -15.14 -24.95
N MET E 72 4.20 -16.21 -24.48
CA MET E 72 5.37 -16.09 -23.62
C MET E 72 6.57 -15.53 -24.35
N HIS E 73 6.58 -15.59 -25.68
CA HIS E 73 7.63 -14.99 -26.50
C HIS E 73 7.29 -13.57 -26.95
N SER E 74 6.03 -13.15 -26.81
CA SER E 74 5.59 -11.85 -27.29
C SER E 74 6.08 -10.69 -26.44
N GLY E 75 6.81 -10.95 -25.36
CA GLY E 75 7.31 -9.91 -24.50
C GLY E 75 8.42 -10.41 -23.61
N PRO E 76 8.96 -9.52 -22.78
CA PRO E 76 10.01 -9.93 -21.84
C PRO E 76 9.44 -10.41 -20.52
N VAL E 77 10.17 -11.32 -19.89
CA VAL E 77 9.75 -11.92 -18.64
C VAL E 77 10.78 -11.63 -17.56
N VAL E 78 10.34 -11.80 -16.32
CA VAL E 78 11.21 -11.68 -15.15
C VAL E 78 11.39 -13.07 -14.57
N ALA E 79 12.59 -13.64 -14.74
CA ALA E 79 12.92 -14.94 -14.20
C ALA E 79 13.59 -14.77 -12.84
N MET E 80 13.08 -15.48 -11.84
CA MET E 80 13.52 -15.32 -10.46
C MET E 80 13.69 -16.69 -9.81
N VAL E 81 14.54 -16.74 -8.78
CA VAL E 81 14.73 -17.95 -7.96
C VAL E 81 14.60 -17.55 -6.50
N TRP E 82 13.72 -18.22 -5.78
CA TRP E 82 13.49 -17.94 -4.37
C TRP E 82 13.82 -19.17 -3.53
N GLU E 83 14.32 -18.94 -2.32
CA GLU E 83 14.78 -20.01 -1.45
C GLU E 83 14.11 -19.88 -0.08
N GLY E 84 13.75 -21.03 0.49
CA GLY E 84 13.15 -21.05 1.80
C GLY E 84 12.58 -22.43 2.12
N LEU E 85 11.76 -22.46 3.18
CA LEU E 85 11.11 -23.68 3.62
C LEU E 85 9.74 -23.78 2.95
N ASN E 86 9.55 -24.85 2.16
CA ASN E 86 8.27 -25.14 1.50
C ASN E 86 7.86 -24.02 0.55
N VAL E 87 8.86 -23.38 -0.07
CA VAL E 87 8.60 -22.26 -0.97
C VAL E 87 8.03 -22.70 -2.31
N VAL E 88 8.30 -23.94 -2.75
CA VAL E 88 7.61 -24.45 -3.93
C VAL E 88 6.11 -24.50 -3.67
N LYS E 89 5.70 -25.23 -2.63
CA LYS E 89 4.28 -25.30 -2.27
C LYS E 89 3.73 -23.93 -1.90
N THR E 90 4.35 -23.27 -0.92
CA THR E 90 3.80 -22.00 -0.44
C THR E 90 3.73 -20.97 -1.55
N GLY E 91 4.76 -20.91 -2.41
CA GLY E 91 4.71 -20.02 -3.55
C GLY E 91 3.52 -20.30 -4.45
N ARG E 92 3.20 -21.58 -4.67
CA ARG E 92 2.03 -21.92 -5.48
C ARG E 92 0.75 -21.44 -4.82
N VAL E 93 0.67 -21.54 -3.49
CA VAL E 93 -0.49 -21.01 -2.78
C VAL E 93 -0.52 -19.49 -2.86
N MET E 94 0.64 -18.84 -2.89
CA MET E 94 0.68 -17.39 -3.00
C MET E 94 0.28 -16.93 -4.39
N LEU E 95 0.80 -17.60 -5.43
CA LEU E 95 0.39 -17.29 -6.79
C LEU E 95 -1.13 -17.38 -6.96
N GLY E 96 -1.71 -18.45 -6.43
CA GLY E 96 -3.11 -18.75 -6.60
C GLY E 96 -3.30 -19.94 -7.51
N GLU E 97 -4.56 -20.22 -7.82
CA GLU E 97 -4.83 -21.27 -8.79
C GLU E 97 -4.50 -20.79 -10.20
N THR E 98 -4.12 -21.75 -11.03
CA THR E 98 -3.69 -21.43 -12.39
C THR E 98 -4.81 -20.79 -13.20
N ASN E 99 -6.06 -21.16 -12.97
CA ASN E 99 -7.20 -20.46 -13.52
C ASN E 99 -7.49 -19.26 -12.66
N PRO E 100 -7.22 -18.04 -13.03
CA PRO E 100 -7.45 -16.89 -12.16
C PRO E 100 -8.89 -16.78 -11.67
N ALA E 101 -9.86 -17.40 -12.36
CA ALA E 101 -11.21 -17.41 -11.84
C ALA E 101 -11.35 -18.34 -10.63
N ASP E 102 -10.37 -19.21 -10.40
CA ASP E 102 -10.33 -20.07 -9.23
C ASP E 102 -9.39 -19.56 -8.15
N SER E 103 -8.50 -18.63 -8.49
CA SER E 103 -7.59 -18.08 -7.51
C SER E 103 -8.36 -17.25 -6.48
N LYS E 104 -7.94 -17.35 -5.22
CA LYS E 104 -8.69 -16.59 -4.23
C LYS E 104 -8.10 -15.20 -4.07
N PRO E 105 -8.94 -14.23 -3.69
CA PRO E 105 -8.42 -12.90 -3.35
C PRO E 105 -7.36 -12.99 -2.25
N GLY E 106 -6.29 -12.21 -2.42
CA GLY E 106 -5.11 -12.34 -1.62
C GLY E 106 -3.96 -13.04 -2.33
N THR E 107 -4.27 -13.86 -3.32
CA THR E 107 -3.24 -14.47 -4.16
C THR E 107 -2.80 -13.49 -5.25
N ILE E 108 -1.72 -13.85 -5.92
CA ILE E 108 -1.20 -13.00 -7.00
C ILE E 108 -2.18 -12.98 -8.17
N ARG E 109 -2.64 -14.16 -8.61
CA ARG E 109 -3.58 -14.21 -9.71
C ARG E 109 -4.99 -13.80 -9.27
N GLY E 110 -5.36 -14.07 -8.01
CA GLY E 110 -6.64 -13.61 -7.54
C GLY E 110 -6.76 -12.11 -7.47
N ASP E 111 -5.63 -11.41 -7.34
CA ASP E 111 -5.64 -9.96 -7.18
C ASP E 111 -5.42 -9.21 -8.50
N PHE E 112 -4.72 -9.80 -9.47
CA PHE E 112 -4.37 -9.07 -10.68
C PHE E 112 -4.66 -9.85 -11.96
N CYS E 113 -5.52 -10.86 -11.93
CA CYS E 113 -5.69 -11.72 -13.08
C CYS E 113 -7.13 -12.15 -13.26
N ILE E 114 -7.51 -12.36 -14.52
CA ILE E 114 -8.85 -12.77 -14.88
C ILE E 114 -8.79 -14.03 -15.74
N GLN E 115 -8.17 -13.91 -16.91
CA GLN E 115 -8.17 -14.99 -17.89
C GLN E 115 -6.96 -15.91 -17.68
N VAL E 116 -7.12 -17.17 -18.09
CA VAL E 116 -6.08 -18.16 -17.87
C VAL E 116 -4.91 -17.97 -18.82
N GLY E 117 -5.19 -17.67 -20.09
CA GLY E 117 -4.13 -17.39 -21.05
C GLY E 117 -3.33 -16.14 -20.76
N ARG E 118 -3.70 -15.38 -19.74
CA ARG E 118 -3.00 -14.17 -19.32
C ARG E 118 -2.88 -14.17 -17.81
N ASN E 119 -2.19 -15.17 -17.26
CA ASN E 119 -2.09 -15.33 -15.80
C ASN E 119 -0.76 -14.84 -15.24
N ILE E 120 -0.24 -13.74 -15.80
CA ILE E 120 0.88 -12.92 -15.33
C ILE E 120 2.10 -13.66 -14.78
N ILE E 121 1.92 -14.85 -14.21
CA ILE E 121 2.98 -15.45 -13.41
C ILE E 121 2.92 -16.97 -13.54
N HIS E 122 4.07 -17.61 -13.37
CA HIS E 122 4.19 -19.06 -13.34
C HIS E 122 5.01 -19.48 -12.13
N GLY E 123 4.67 -20.62 -11.56
CA GLY E 123 5.42 -21.17 -10.43
C GLY E 123 5.68 -22.61 -10.58
N SER E 124 6.87 -23.07 -10.12
CA SER E 124 7.22 -24.47 -10.13
C SER E 124 6.19 -25.27 -9.34
N ASP E 125 5.61 -26.28 -10.01
CA ASP E 125 4.61 -27.13 -9.38
C ASP E 125 5.22 -28.10 -8.38
N SER E 126 6.50 -28.44 -8.53
CA SER E 126 7.16 -29.42 -7.68
C SER E 126 8.63 -29.08 -7.55
N VAL E 127 9.23 -29.59 -6.47
CA VAL E 127 10.68 -29.50 -6.29
C VAL E 127 11.41 -30.06 -7.50
N LYS E 128 10.89 -31.13 -8.08
CA LYS E 128 11.54 -31.72 -9.25
C LYS E 128 11.40 -30.83 -10.48
N SER E 129 10.20 -30.28 -10.71
CA SER E 129 10.04 -29.28 -11.76
C SER E 129 10.84 -28.03 -11.47
N ALA E 130 11.05 -27.70 -10.19
CA ALA E 130 11.88 -26.55 -9.84
C ALA E 130 13.30 -26.75 -10.33
N GLU E 131 13.95 -27.84 -9.90
CA GLU E 131 15.33 -28.09 -10.27
C GLU E 131 15.52 -28.29 -11.77
N LYS E 132 14.47 -28.71 -12.48
CA LYS E 132 14.54 -28.75 -13.94
C LYS E 132 14.41 -27.35 -14.54
N GLU E 133 13.50 -26.54 -14.00
CA GLU E 133 13.29 -25.20 -14.54
C GLU E 133 14.43 -24.27 -14.16
N ILE E 134 14.91 -24.35 -12.92
CA ILE E 134 16.00 -23.48 -12.46
C ILE E 134 17.24 -23.71 -13.32
N SER E 135 17.64 -24.97 -13.46
CA SER E 135 18.81 -25.29 -14.29
C SER E 135 18.59 -24.90 -15.75
N LEU E 136 17.35 -24.68 -16.16
CA LEU E 136 17.03 -24.34 -17.54
C LEU E 136 17.15 -22.85 -17.83
N TRP E 137 16.61 -22.00 -16.96
CA TRP E 137 16.66 -20.55 -17.16
C TRP E 137 17.96 -19.94 -16.66
N PHE E 138 18.49 -20.45 -15.55
CA PHE E 138 19.66 -19.88 -14.90
C PHE E 138 20.86 -20.82 -14.99
N GLN E 139 22.05 -20.22 -15.06
CA GLN E 139 23.30 -20.92 -14.86
C GLN E 139 23.72 -20.81 -13.39
N PRO E 140 24.59 -21.70 -12.91
CA PRO E 140 25.00 -21.63 -11.49
C PRO E 140 25.69 -20.34 -11.12
N GLU E 141 26.31 -19.65 -12.08
CA GLU E 141 26.96 -18.38 -11.77
C GLU E 141 25.93 -17.33 -11.35
N GLU E 142 24.79 -17.30 -12.02
CA GLU E 142 23.79 -16.25 -11.81
C GLU E 142 23.01 -16.41 -10.52
N LEU E 143 23.25 -17.47 -9.75
CA LEU E 143 22.55 -17.68 -8.49
C LEU E 143 23.41 -17.17 -7.35
N VAL E 144 22.83 -16.31 -6.51
CA VAL E 144 23.56 -15.62 -5.45
C VAL E 144 23.19 -16.26 -4.12
N GLU E 145 24.18 -16.81 -3.44
CA GLU E 145 24.03 -17.33 -2.09
C GLU E 145 24.49 -16.28 -1.09
N TYR E 146 23.65 -15.99 -0.10
CA TYR E 146 24.01 -15.08 0.97
C TYR E 146 23.13 -15.39 2.17
N LYS E 147 23.39 -14.69 3.28
CA LYS E 147 22.70 -14.91 4.54
C LYS E 147 21.86 -13.68 4.88
N SER E 148 20.54 -13.81 4.79
CA SER E 148 19.65 -12.71 5.15
C SER E 148 19.85 -12.32 6.61
N CYS E 149 19.74 -11.01 6.88
CA CYS E 149 19.99 -10.52 8.23
C CYS E 149 18.88 -10.90 9.22
N ALA E 150 17.71 -11.30 8.71
CA ALA E 150 16.58 -11.65 9.56
C ALA E 150 16.32 -13.16 9.58
N GLN E 151 17.29 -13.97 9.17
CA GLN E 151 17.06 -15.41 9.04
C GLN E 151 16.69 -16.03 10.38
N ASN E 152 17.43 -15.71 11.44
CA ASN E 152 17.16 -16.27 12.75
C ASN E 152 15.80 -15.84 13.30
N TRP E 153 15.15 -14.86 12.69
CA TRP E 153 13.80 -14.48 13.05
C TRP E 153 12.75 -15.01 12.07
N ILE E 154 13.18 -15.77 11.06
CA ILE E 154 12.27 -16.42 10.12
C ILE E 154 12.22 -17.90 10.43
N TYR E 155 13.35 -18.46 10.87
CA TYR E 155 13.48 -19.89 11.14
C TYR E 155 13.94 -20.11 12.58
N GLU E 156 13.38 -21.14 13.21
CA GLU E 156 13.90 -21.62 14.48
C GLU E 156 14.81 -22.81 14.22
N MET F 5 -24.17 -6.38 24.09
CA MET F 5 -22.95 -6.69 24.83
C MET F 5 -21.90 -7.35 23.94
N ALA F 6 -22.32 -7.78 22.76
CA ALA F 6 -21.41 -8.38 21.79
C ALA F 6 -20.62 -7.35 21.01
N ASN F 7 -21.12 -6.12 20.89
CA ASN F 7 -20.37 -5.07 20.22
C ASN F 7 -19.34 -4.49 21.18
N SER F 8 -19.00 -5.24 22.22
CA SER F 8 -18.01 -4.84 23.20
C SER F 8 -17.01 -5.95 23.52
N GLU F 9 -17.18 -7.13 22.94
CA GLU F 9 -16.30 -8.25 23.22
C GLU F 9 -14.85 -7.89 22.89
N ARG F 10 -13.94 -8.23 23.81
CA ARG F 10 -12.53 -7.91 23.68
C ARG F 10 -11.72 -9.16 23.42
N THR F 11 -10.61 -9.00 22.70
CA THR F 11 -9.64 -10.06 22.50
C THR F 11 -8.24 -9.49 22.71
N PHE F 12 -7.32 -10.39 23.05
CA PHE F 12 -5.92 -10.04 23.28
C PHE F 12 -5.11 -10.40 22.05
N ILE F 13 -4.33 -9.46 21.53
CA ILE F 13 -3.49 -9.67 20.36
C ILE F 13 -2.07 -9.29 20.71
N ALA F 14 -1.14 -10.21 20.50
CA ALA F 14 0.27 -10.00 20.85
C ALA F 14 1.13 -10.14 19.60
N ILE F 15 2.04 -9.19 19.41
CA ILE F 15 3.02 -9.24 18.32
C ILE F 15 4.32 -9.80 18.88
N LYS F 16 4.73 -10.95 18.36
CA LYS F 16 5.85 -11.69 18.91
C LYS F 16 7.17 -10.97 18.61
N PRO F 17 8.26 -11.36 19.26
CA PRO F 17 9.56 -10.71 19.00
C PRO F 17 9.95 -10.66 17.53
N ASP F 18 9.74 -11.75 16.79
CA ASP F 18 10.06 -11.73 15.36
C ASP F 18 9.12 -10.81 14.59
N GLY F 19 7.90 -10.61 15.08
CA GLY F 19 7.02 -9.63 14.47
C GLY F 19 7.54 -8.22 14.61
N VAL F 20 8.15 -7.91 15.75
CA VAL F 20 8.72 -6.58 15.97
C VAL F 20 10.02 -6.42 15.18
N GLN F 21 10.94 -7.38 15.34
CA GLN F 21 12.26 -7.28 14.71
C GLN F 21 12.15 -7.08 13.21
N ARG F 22 11.16 -7.68 12.57
CA ARG F 22 10.97 -7.57 11.14
C ARG F 22 10.10 -6.39 10.75
N GLY F 23 9.63 -5.59 11.72
CA GLY F 23 8.96 -4.34 11.43
C GLY F 23 7.57 -4.47 10.85
N LEU F 24 6.75 -5.37 11.38
CA LEU F 24 5.38 -5.57 10.93
C LEU F 24 4.35 -5.00 11.89
N VAL F 25 4.79 -4.17 12.86
CA VAL F 25 3.89 -3.71 13.92
C VAL F 25 2.78 -2.83 13.33
N GLY F 26 3.17 -1.78 12.60
CA GLY F 26 2.17 -0.90 12.01
C GLY F 26 1.29 -1.61 11.01
N GLU F 27 1.87 -2.55 10.25
CA GLU F 27 1.11 -3.33 9.29
C GLU F 27 0.06 -4.20 9.98
N ILE F 28 0.37 -4.71 11.16
CA ILE F 28 -0.58 -5.56 11.88
C ILE F 28 -1.71 -4.72 12.48
N ILE F 29 -1.36 -3.61 13.12
CA ILE F 29 -2.37 -2.70 13.66
C ILE F 29 -3.24 -2.15 12.54
N LYS F 30 -2.66 -1.96 11.35
CA LYS F 30 -3.40 -1.37 10.24
C LYS F 30 -4.57 -2.25 9.81
N ARG F 31 -4.33 -3.56 9.73
CA ARG F 31 -5.40 -4.48 9.33
C ARG F 31 -6.51 -4.56 10.37
N PHE F 32 -6.16 -4.48 11.66
CA PHE F 32 -7.19 -4.46 12.69
C PHE F 32 -7.96 -3.15 12.70
N GLU F 33 -7.27 -2.04 12.48
CA GLU F 33 -7.92 -0.73 12.47
C GLU F 33 -8.91 -0.64 11.30
N GLN F 34 -8.45 -0.95 10.08
CA GLN F 34 -9.31 -0.84 8.92
C GLN F 34 -10.47 -1.83 8.97
N LYS F 35 -10.28 -2.98 9.63
CA LYS F 35 -11.34 -3.98 9.71
C LYS F 35 -12.56 -3.43 10.44
N GLY F 36 -12.34 -2.55 11.41
CA GLY F 36 -13.44 -1.93 12.13
C GLY F 36 -13.31 -2.04 13.63
N PHE F 37 -12.30 -2.77 14.10
CA PHE F 37 -12.16 -3.00 15.53
C PHE F 37 -11.42 -1.85 16.19
N ARG F 38 -11.65 -1.70 17.49
CA ARG F 38 -11.24 -0.53 18.25
C ARG F 38 -10.11 -0.90 19.20
N LEU F 39 -9.05 -0.09 19.18
CA LEU F 39 -7.89 -0.33 20.04
C LEU F 39 -8.22 0.08 21.46
N VAL F 40 -8.13 -0.88 22.39
CA VAL F 40 -8.47 -0.66 23.78
C VAL F 40 -7.24 -0.57 24.67
N GLY F 41 -6.22 -1.37 24.38
CA GLY F 41 -5.01 -1.36 25.19
C GLY F 41 -3.80 -1.65 24.34
N LEU F 42 -2.67 -1.05 24.72
CA LEU F 42 -1.43 -1.18 23.96
C LEU F 42 -0.26 -0.98 24.92
N LYS F 43 0.78 -1.81 24.78
CA LYS F 43 1.97 -1.68 25.61
C LYS F 43 3.13 -2.39 24.92
N PHE F 44 4.34 -1.89 25.19
CA PHE F 44 5.58 -2.43 24.66
C PHE F 44 6.39 -3.00 25.82
N LEU F 45 6.84 -4.24 25.69
CA LEU F 45 7.32 -4.99 26.84
C LEU F 45 8.19 -6.15 26.39
N GLN F 46 9.24 -6.44 27.17
CA GLN F 46 10.02 -7.66 27.01
C GLN F 46 9.55 -8.63 28.08
N ALA F 47 8.80 -9.64 27.67
CA ALA F 47 8.09 -10.50 28.61
C ALA F 47 9.06 -11.33 29.45
N SER F 48 8.76 -11.42 30.74
CA SER F 48 9.48 -12.32 31.64
C SER F 48 8.96 -13.75 31.46
N GLU F 49 9.84 -14.72 31.74
CA GLU F 49 9.50 -16.13 31.55
C GLU F 49 8.41 -16.59 32.51
N ASP F 50 8.20 -15.86 33.60
CA ASP F 50 7.06 -16.15 34.47
C ASP F 50 5.71 -15.92 33.77
N LEU F 51 5.46 -14.72 33.24
CA LEU F 51 4.17 -14.47 32.64
C LEU F 51 3.99 -15.33 31.38
N LEU F 52 5.11 -15.66 30.73
CA LEU F 52 5.02 -16.55 29.58
C LEU F 52 4.50 -17.90 30.01
N LYS F 53 5.03 -18.43 31.12
CA LYS F 53 4.63 -19.76 31.56
C LYS F 53 3.17 -19.81 31.95
N GLU F 54 2.64 -18.72 32.51
CA GLU F 54 1.20 -18.67 32.79
C GLU F 54 0.41 -18.45 31.49
N HIS F 55 1.02 -17.75 30.52
CA HIS F 55 0.34 -17.55 29.24
C HIS F 55 0.24 -18.86 28.46
N TYR F 56 1.32 -19.63 28.42
CA TYR F 56 1.34 -20.94 27.75
C TYR F 56 1.27 -22.09 28.75
N THR F 57 0.47 -21.94 29.81
CA THR F 57 0.37 -23.01 30.79
C THR F 57 -0.29 -24.24 30.22
N ASP F 58 -1.12 -24.08 29.18
CA ASP F 58 -1.77 -25.21 28.54
C ASP F 58 -0.82 -26.05 27.69
N LEU F 59 0.43 -25.60 27.51
CA LEU F 59 1.38 -26.31 26.65
C LEU F 59 2.63 -26.74 27.41
N LYS F 60 2.54 -26.89 28.74
CA LYS F 60 3.74 -27.17 29.51
C LYS F 60 4.29 -28.56 29.24
N ASP F 61 3.44 -29.49 28.80
CA ASP F 61 3.87 -30.86 28.52
C ASP F 61 4.40 -31.05 27.12
N ARG F 62 4.21 -30.08 26.22
CA ARG F 62 4.61 -30.21 24.84
C ARG F 62 6.12 -30.03 24.69
N PRO F 63 6.73 -30.73 23.72
CA PRO F 63 8.20 -30.66 23.59
C PRO F 63 8.74 -29.28 23.30
N PHE F 64 7.97 -28.45 22.60
CA PHE F 64 8.43 -27.12 22.20
C PHE F 64 8.30 -26.08 23.31
N PHE F 65 7.80 -26.47 24.48
CA PHE F 65 7.45 -25.48 25.50
C PHE F 65 8.66 -24.67 25.95
N THR F 66 9.80 -25.33 26.15
CA THR F 66 10.99 -24.61 26.60
C THR F 66 11.49 -23.63 25.55
N GLY F 67 11.60 -24.09 24.30
CA GLY F 67 12.04 -23.21 23.23
C GLY F 67 11.08 -22.10 22.90
N LEU F 68 9.78 -22.29 23.18
CA LEU F 68 8.80 -21.23 22.95
C LEU F 68 8.91 -20.14 24.00
N VAL F 69 9.15 -20.51 25.26
CA VAL F 69 9.24 -19.52 26.31
C VAL F 69 10.49 -18.67 26.15
N LYS F 70 11.64 -19.30 25.87
CA LYS F 70 12.88 -18.54 25.72
C LYS F 70 12.88 -17.70 24.44
N TYR F 71 12.13 -18.14 23.41
CA TYR F 71 12.02 -17.33 22.20
C TYR F 71 11.16 -16.11 22.45
N MET F 72 9.98 -16.30 23.06
CA MET F 72 9.12 -15.17 23.40
C MET F 72 9.77 -14.24 24.40
N HIS F 73 10.79 -14.73 25.12
CA HIS F 73 11.56 -13.90 26.05
C HIS F 73 12.78 -13.26 25.39
N SER F 74 13.20 -13.76 24.23
CA SER F 74 14.41 -13.28 23.57
C SER F 74 14.24 -11.91 22.93
N GLY F 75 13.07 -11.30 23.02
CA GLY F 75 12.84 -10.01 22.42
C GLY F 75 11.60 -9.33 22.97
N PRO F 76 11.30 -8.14 22.47
CA PRO F 76 10.12 -7.41 22.94
C PRO F 76 8.86 -7.81 22.20
N VAL F 77 7.74 -7.66 22.89
CA VAL F 77 6.42 -7.94 22.32
C VAL F 77 5.57 -6.68 22.40
N VAL F 78 4.63 -6.59 21.47
CA VAL F 78 3.60 -5.55 21.49
C VAL F 78 2.30 -6.24 21.91
N ALA F 79 1.82 -5.92 23.11
CA ALA F 79 0.59 -6.51 23.65
C ALA F 79 -0.58 -5.59 23.38
N MET F 80 -1.64 -6.13 22.78
CA MET F 80 -2.78 -5.34 22.37
C MET F 80 -4.08 -5.99 22.81
N VAL F 81 -5.09 -5.17 23.03
CA VAL F 81 -6.44 -5.61 23.35
C VAL F 81 -7.41 -4.90 22.42
N TRP F 82 -8.12 -5.66 21.59
CA TRP F 82 -9.03 -5.12 20.58
C TRP F 82 -10.46 -5.47 20.93
N GLU F 83 -11.37 -4.55 20.65
CA GLU F 83 -12.79 -4.70 20.97
C GLU F 83 -13.62 -4.67 19.69
N GLY F 84 -14.63 -5.53 19.65
CA GLY F 84 -15.56 -5.53 18.52
C GLY F 84 -16.39 -6.78 18.53
N LEU F 85 -17.38 -6.80 17.64
CA LEU F 85 -18.26 -7.95 17.48
C LEU F 85 -17.46 -9.15 16.98
N ASN F 86 -17.39 -10.19 17.80
CA ASN F 86 -16.71 -11.45 17.47
C ASN F 86 -15.22 -11.25 17.21
N VAL F 87 -14.61 -10.30 17.92
CA VAL F 87 -13.20 -10.01 17.68
C VAL F 87 -12.34 -11.22 18.00
N VAL F 88 -12.81 -12.11 18.88
CA VAL F 88 -12.03 -13.31 19.21
C VAL F 88 -12.01 -14.27 18.03
N LYS F 89 -13.17 -14.49 17.39
CA LYS F 89 -13.24 -15.42 16.29
C LYS F 89 -12.61 -14.85 15.03
N THR F 90 -13.15 -13.74 14.51
CA THR F 90 -12.60 -13.16 13.29
C THR F 90 -11.20 -12.62 13.48
N GLY F 91 -10.75 -12.44 14.73
CA GLY F 91 -9.34 -12.15 14.95
C GLY F 91 -8.45 -13.33 14.62
N ARG F 92 -8.91 -14.54 14.96
CA ARG F 92 -8.17 -15.74 14.59
C ARG F 92 -8.18 -15.94 13.07
N VAL F 93 -9.31 -15.63 12.42
CA VAL F 93 -9.38 -15.78 10.97
C VAL F 93 -8.41 -14.82 10.29
N MET F 94 -8.43 -13.55 10.71
CA MET F 94 -7.49 -12.57 10.16
C MET F 94 -6.05 -13.02 10.38
N LEU F 95 -5.75 -13.57 11.55
CA LEU F 95 -4.38 -14.01 11.82
C LEU F 95 -3.96 -15.13 10.87
N GLY F 96 -4.85 -16.08 10.63
CA GLY F 96 -4.52 -17.24 9.84
C GLY F 96 -4.30 -18.47 10.70
N GLU F 97 -3.82 -19.52 10.06
CA GLU F 97 -3.56 -20.76 10.77
C GLU F 97 -2.26 -20.67 11.56
N THR F 98 -2.23 -21.37 12.70
CA THR F 98 -1.09 -21.28 13.60
C THR F 98 0.20 -21.71 12.93
N ASN F 99 0.13 -22.74 12.08
CA ASN F 99 1.27 -23.11 11.25
C ASN F 99 1.21 -22.26 9.98
N PRO F 100 2.15 -21.34 9.76
CA PRO F 100 2.07 -20.46 8.58
C PRO F 100 2.03 -21.22 7.27
N ALA F 101 2.51 -22.47 7.24
CA ALA F 101 2.34 -23.30 6.06
C ALA F 101 0.88 -23.71 5.83
N ASP F 102 0.02 -23.53 6.83
CA ASP F 102 -1.41 -23.76 6.68
C ASP F 102 -2.20 -22.47 6.52
N SER F 103 -1.58 -21.32 6.69
CA SER F 103 -2.30 -20.05 6.59
C SER F 103 -2.58 -19.71 5.14
N LYS F 104 -3.74 -19.12 4.90
CA LYS F 104 -4.10 -18.74 3.54
C LYS F 104 -3.60 -17.33 3.23
N PRO F 105 -3.21 -17.08 1.98
CA PRO F 105 -2.81 -15.72 1.60
C PRO F 105 -3.93 -14.73 1.86
N GLY F 106 -3.55 -13.56 2.39
CA GLY F 106 -4.48 -12.56 2.87
C GLY F 106 -4.50 -12.44 4.39
N THR F 107 -4.13 -13.52 5.09
CA THR F 107 -3.99 -13.49 6.52
C THR F 107 -2.66 -12.87 6.92
N ILE F 108 -2.54 -12.50 8.20
CA ILE F 108 -1.30 -11.92 8.70
C ILE F 108 -0.16 -12.94 8.59
N ARG F 109 -0.41 -14.18 9.01
CA ARG F 109 0.62 -15.20 8.95
C ARG F 109 0.83 -15.69 7.53
N GLY F 110 -0.24 -15.80 6.74
CA GLY F 110 -0.10 -16.25 5.37
C GLY F 110 0.68 -15.28 4.51
N ASP F 111 0.69 -14.01 4.87
CA ASP F 111 1.42 -12.98 4.14
C ASP F 111 2.85 -12.81 4.61
N PHE F 112 3.12 -12.99 5.91
CA PHE F 112 4.32 -12.43 6.50
C PHE F 112 5.28 -13.40 7.19
N CYS F 113 4.92 -14.68 7.34
CA CYS F 113 5.81 -15.62 8.01
C CYS F 113 5.73 -17.00 7.37
N ILE F 114 6.64 -17.87 7.79
CA ILE F 114 6.86 -19.15 7.13
C ILE F 114 6.78 -20.31 8.13
N GLN F 115 7.65 -20.29 9.14
CA GLN F 115 7.79 -21.41 10.06
C GLN F 115 6.88 -21.23 11.27
N VAL F 116 6.51 -22.35 11.89
CA VAL F 116 5.57 -22.31 13.01
C VAL F 116 6.26 -21.76 14.26
N GLY F 117 7.54 -22.06 14.45
CA GLY F 117 8.28 -21.51 15.57
C GLY F 117 8.49 -20.01 15.51
N ARG F 118 8.23 -19.39 14.36
CA ARG F 118 8.36 -17.94 14.16
C ARG F 118 7.12 -17.47 13.40
N ASN F 119 5.99 -17.38 14.09
CA ASN F 119 4.73 -16.97 13.49
C ASN F 119 4.27 -15.59 13.96
N ILE F 120 5.23 -14.75 14.36
CA ILE F 120 5.12 -13.29 14.51
C ILE F 120 3.97 -12.81 15.37
N ILE F 121 2.86 -13.55 15.44
CA ILE F 121 1.66 -13.06 16.12
C ILE F 121 0.95 -14.22 16.81
N HIS F 122 0.20 -13.88 17.86
CA HIS F 122 -0.57 -14.83 18.64
C HIS F 122 -2.01 -14.34 18.76
N GLY F 123 -2.94 -15.29 18.74
CA GLY F 123 -4.37 -14.98 18.86
C GLY F 123 -5.00 -15.71 20.03
N SER F 124 -5.90 -15.03 20.73
CA SER F 124 -6.69 -15.66 21.78
C SER F 124 -7.67 -16.65 21.15
N ASP F 125 -7.59 -17.92 21.58
CA ASP F 125 -8.39 -18.95 20.94
C ASP F 125 -9.86 -18.92 21.32
N SER F 126 -10.23 -18.19 22.37
CA SER F 126 -11.61 -18.18 22.83
C SER F 126 -11.84 -16.95 23.71
N VAL F 127 -13.12 -16.70 24.01
CA VAL F 127 -13.47 -15.62 24.91
C VAL F 127 -12.97 -15.90 26.32
N LYS F 128 -12.95 -17.16 26.74
CA LYS F 128 -12.42 -17.49 28.05
C LYS F 128 -10.90 -17.42 28.09
N SER F 129 -10.24 -17.82 26.99
CA SER F 129 -8.80 -17.63 26.89
C SER F 129 -8.44 -16.15 26.83
N ALA F 130 -9.30 -15.34 26.22
CA ALA F 130 -9.00 -13.92 26.07
C ALA F 130 -9.04 -13.19 27.41
N GLU F 131 -10.15 -13.33 28.15
CA GLU F 131 -10.27 -12.60 29.41
C GLU F 131 -9.19 -13.00 30.41
N LYS F 132 -8.78 -14.26 30.40
CA LYS F 132 -7.62 -14.65 31.21
C LYS F 132 -6.36 -13.95 30.72
N GLU F 133 -6.15 -13.94 29.39
CA GLU F 133 -4.96 -13.30 28.84
C GLU F 133 -5.03 -11.78 28.98
N ILE F 134 -6.24 -11.21 28.89
CA ILE F 134 -6.40 -9.77 29.08
C ILE F 134 -6.03 -9.38 30.51
N SER F 135 -6.54 -10.12 31.49
CA SER F 135 -6.22 -9.85 32.88
C SER F 135 -4.76 -10.17 33.22
N LEU F 136 -4.05 -10.86 32.34
CA LEU F 136 -2.67 -11.28 32.61
C LEU F 136 -1.65 -10.21 32.24
N TRP F 137 -1.69 -9.71 31.01
CA TRP F 137 -0.76 -8.68 30.55
C TRP F 137 -1.24 -7.27 30.86
N PHE F 138 -2.53 -7.08 31.10
CA PHE F 138 -3.11 -5.75 31.25
C PHE F 138 -3.88 -5.64 32.56
N GLN F 139 -3.59 -4.57 33.30
CA GLN F 139 -4.43 -4.18 34.43
C GLN F 139 -5.62 -3.37 33.90
N PRO F 140 -6.71 -3.31 34.67
CA PRO F 140 -7.87 -2.51 34.21
C PRO F 140 -7.56 -1.03 34.06
N GLU F 141 -6.46 -0.54 34.65
CA GLU F 141 -6.02 0.83 34.39
C GLU F 141 -5.65 1.00 32.92
N GLU F 142 -4.75 0.15 32.42
CA GLU F 142 -4.14 0.30 31.11
C GLU F 142 -5.10 0.08 29.95
N LEU F 143 -6.37 -0.21 30.22
CA LEU F 143 -7.36 -0.38 29.17
C LEU F 143 -8.19 0.88 29.05
N VAL F 144 -8.24 1.44 27.84
CA VAL F 144 -8.91 2.72 27.56
C VAL F 144 -10.27 2.43 26.94
N GLU F 145 -11.31 3.09 27.46
CA GLU F 145 -12.65 3.02 26.92
C GLU F 145 -12.98 4.33 26.21
N TYR F 146 -13.52 4.23 25.01
CA TYR F 146 -13.94 5.40 24.24
C TYR F 146 -14.81 4.90 23.08
N LYS F 147 -15.55 5.83 22.48
CA LYS F 147 -16.44 5.53 21.36
C LYS F 147 -15.82 6.04 20.06
N SER F 148 -15.58 5.12 19.13
CA SER F 148 -15.06 5.51 17.83
C SER F 148 -16.09 6.33 17.07
N CYS F 149 -15.59 7.26 16.24
CA CYS F 149 -16.49 8.15 15.51
C CYS F 149 -17.28 7.41 14.44
N ALA F 150 -16.81 6.24 14.01
CA ALA F 150 -17.46 5.48 12.94
C ALA F 150 -18.20 4.26 13.45
N GLN F 151 -18.54 4.23 14.75
CA GLN F 151 -19.19 3.05 15.31
C GLN F 151 -20.56 2.82 14.68
N ASN F 152 -21.37 3.89 14.54
CA ASN F 152 -22.68 3.75 13.94
C ASN F 152 -22.60 3.35 12.47
N TRP F 153 -21.44 3.50 11.84
CA TRP F 153 -21.19 3.00 10.50
C TRP F 153 -20.58 1.60 10.50
N ILE F 154 -20.25 1.06 11.67
CA ILE F 154 -19.73 -0.29 11.78
C ILE F 154 -20.84 -1.22 12.28
N TYR F 155 -21.72 -0.69 13.14
CA TYR F 155 -22.73 -1.50 13.77
C TYR F 155 -24.12 -0.91 13.54
N GLU F 156 -25.13 -1.73 13.79
CA GLU F 156 -26.52 -1.32 13.61
C GLU F 156 -27.23 -1.19 14.96
#